data_4MCS
#
_entry.id   4MCS
#
_cell.length_a   101.547
_cell.length_b   130.395
_cell.length_c   158.980
_cell.angle_alpha   90.00
_cell.angle_beta   90.00
_cell.angle_gamma   90.00
#
_symmetry.space_group_name_H-M   'I 2 2 2'
#
loop_
_entity.id
_entity.type
_entity.pdbx_description
1 polymer 'Glutamate carboxypeptidase 2'
2 branched 2-acetamido-2-deoxy-beta-D-glucopyranose-(1-4)-2-acetamido-2-deoxy-beta-D-glucopyranose
3 branched alpha-D-mannopyranose-(1-3)-beta-D-mannopyranose-(1-4)-2-acetamido-2-deoxy-beta-D-glucopyranose-(1-4)-2-acetamido-2-deoxy-beta-D-glucopyranose
4 non-polymer 2-acetamido-2-deoxy-beta-D-glucopyranose
5 non-polymer 'ZINC ION'
6 non-polymer 'CALCIUM ION'
7 non-polymer 'CHLORIDE ION'
8 non-polymer 'GLUTAMIC ACID'
9 non-polymer 'ASPARTIC ACID'
10 water water
#
_entity_poly.entity_id   1
_entity_poly.type   'polypeptide(L)'
_entity_poly.pdbx_seq_one_letter_code
;MKLCILLAVVAFVGLSLGRSGLNDIFEAQKIEWHEGSGSGSENLYFQGRSKSSNEATNITPKHNMKAFLDELKAENIKKF
LYNFTQIPHLAGTEQNFQLAKQIQSQWKEFGLDSVELAHYDVLLSYPNKTHPNYISIINEDGNEIFNTSLFEPPPPGYEN
VSDIVPPFSAFSPQGMPEGDLVYVNYARTEDFFKLERDMKINCSGKIVIARYGKVFRGNKVKNAQLAGAKGVILYSDPAD
YFAPGVKSYPDGWNLPGGGVQRGNILNLNGAGDPLTPGYPANEYAYRRGIAEAVGLPSIPVHPIGYYDAQKLLEKMGGSA
PPDSSWRGSLKVPYNVGPGFTGNFSTQKVKMHIHSTNEVTRIYNVIGTLRGAVEPDRYVILGGHRDSWVFGGIDPQSGAA
VVHEIVRSFGTLKKEGWRPRRTILFASWDAEEFGLLGSTEWAEENSRLLQERGVAYINADSSIEGNYTLRVDCTPLMYSL
VYNLTKELKSPDEGFEGKSLYESWTKKSPSPEFSGMPRISKLGSGNDFEVFFQRLGIASGRARYTKNWETNKFSGYPLYH
SVYETYELVEKFYDPMFKYHLTVAQVRGGMVFELANSIVLPFDCRDYAVVLRKYADKIYSISMKHPQEMKTYSVSFDSLF
SAVKNFTEIASKFSERLQDFDKSNPIVLRMMNDQLMFLERAFIDPLGLPDRPFYRHVIYAPSSHNKYAGESFPGIYDALF
DIESKVDPSKAWGEVKRQIYVAAFTVQAAAETLSEVA
;
_entity_poly.pdbx_strand_id   A
#
loop_
_chem_comp.id
_chem_comp.type
_chem_comp.name
_chem_comp.formula
BMA D-saccharide, beta linking beta-D-mannopyranose 'C6 H12 O6'
CA non-polymer 'CALCIUM ION' 'Ca 2'
CL non-polymer 'CHLORIDE ION' 'Cl -1'
MAN D-saccharide, alpha linking alpha-D-mannopyranose 'C6 H12 O6'
NAG D-saccharide, beta linking 2-acetamido-2-deoxy-beta-D-glucopyranose 'C8 H15 N O6'
ZN non-polymer 'ZINC ION' 'Zn 2'
#
# COMPACT_ATOMS: atom_id res chain seq x y z
N LYS A 62 35.33 9.99 -9.28
CA LYS A 62 34.57 10.33 -8.04
C LYS A 62 33.53 9.31 -7.62
N HIS A 63 33.34 9.20 -6.31
CA HIS A 63 32.24 8.41 -5.79
C HIS A 63 31.21 9.41 -5.29
N ASN A 64 30.24 9.70 -6.15
CA ASN A 64 29.20 10.68 -5.87
C ASN A 64 27.91 10.12 -6.41
N MET A 65 26.83 10.91 -6.40
CA MET A 65 25.58 10.29 -6.81
C MET A 65 25.62 9.88 -8.29
N LYS A 66 26.27 10.71 -9.11
CA LYS A 66 26.37 10.43 -10.54
C LYS A 66 27.04 9.08 -10.80
N ALA A 67 28.10 8.77 -10.05
CA ALA A 67 28.74 7.46 -10.15
C ALA A 67 27.75 6.33 -9.82
N PHE A 68 27.00 6.50 -8.73
CA PHE A 68 25.97 5.53 -8.35
C PHE A 68 24.94 5.33 -9.47
N LEU A 69 24.35 6.43 -9.91
CA LEU A 69 23.33 6.42 -10.94
C LEU A 69 23.81 5.82 -12.28
N ASP A 70 25.02 6.18 -12.70
CA ASP A 70 25.56 5.69 -13.98
C ASP A 70 25.79 4.18 -14.01
N GLU A 71 26.05 3.58 -12.85
CA GLU A 71 26.31 2.15 -12.76
C GLU A 71 25.02 1.27 -12.96
N LEU A 72 23.85 1.84 -12.64
CA LEU A 72 22.54 1.17 -12.91
C LEU A 72 22.33 0.91 -14.40
N LYS A 73 21.92 -0.31 -14.76
CA LYS A 73 21.72 -0.67 -16.16
C LYS A 73 20.34 -1.30 -16.40
N ALA A 74 19.61 -0.81 -17.40
CA ALA A 74 18.32 -1.37 -17.80
C ALA A 74 18.49 -2.86 -18.09
N GLU A 75 19.60 -3.22 -18.75
CA GLU A 75 19.84 -4.61 -19.17
C GLU A 75 19.92 -5.54 -17.95
N ASN A 76 20.56 -5.08 -16.86
CA ASN A 76 20.59 -5.85 -15.61
C ASN A 76 19.22 -6.05 -14.99
N ILE A 77 18.44 -4.98 -14.92
CA ILE A 77 17.10 -5.06 -14.31
C ILE A 77 16.27 -6.08 -15.11
N LYS A 78 16.41 -6.06 -16.44
CA LYS A 78 15.69 -7.01 -17.32
C LYS A 78 16.08 -8.47 -16.99
N LYS A 79 17.38 -8.75 -16.92
CA LYS A 79 17.89 -10.08 -16.53
C LYS A 79 17.37 -10.54 -15.18
N PHE A 80 17.40 -9.65 -14.20
CA PHE A 80 16.89 -9.97 -12.89
C PHE A 80 15.38 -10.24 -12.93
N LEU A 81 14.63 -9.41 -13.64
CA LEU A 81 13.19 -9.65 -13.69
C LEU A 81 12.90 -11.02 -14.28
N TYR A 82 13.55 -11.33 -15.40
CA TYR A 82 13.40 -12.65 -16.00
C TYR A 82 13.71 -13.74 -14.96
N ASN A 83 14.83 -13.59 -14.26
CA ASN A 83 15.23 -14.57 -13.25
C ASN A 83 14.22 -14.78 -12.11
N PHE A 84 13.50 -13.73 -11.75
CA PHE A 84 12.62 -13.75 -10.56
C PHE A 84 11.20 -14.24 -10.86
N THR A 85 10.89 -14.44 -12.16
CA THR A 85 9.50 -14.63 -12.59
C THR A 85 9.21 -15.92 -13.37
N GLN A 86 10.12 -16.89 -13.34
CA GLN A 86 9.96 -18.14 -14.11
C GLN A 86 9.04 -19.16 -13.41
N ILE A 87 8.94 -19.07 -12.08
CA ILE A 87 8.10 -20.01 -11.31
C ILE A 87 7.40 -19.17 -10.24
N PRO A 88 6.27 -19.67 -9.67
CA PRO A 88 5.60 -18.90 -8.60
C PRO A 88 6.46 -18.78 -7.35
N HIS A 89 6.30 -17.68 -6.63
CA HIS A 89 6.98 -17.48 -5.37
C HIS A 89 5.99 -17.09 -4.24
N LEU A 90 5.03 -17.97 -4.01
CA LEU A 90 3.94 -17.70 -3.06
C LEU A 90 4.51 -17.72 -1.65
N ALA A 91 4.11 -16.76 -0.81
CA ALA A 91 4.60 -16.77 0.61
C ALA A 91 4.39 -18.12 1.27
N GLY A 92 5.38 -18.54 2.04
CA GLY A 92 5.34 -19.80 2.82
C GLY A 92 5.62 -21.05 2.02
N THR A 93 5.94 -20.91 0.74
CA THR A 93 6.28 -22.08 -0.07
C THR A 93 7.79 -22.29 -0.21
N GLU A 94 8.18 -23.53 -0.54
CA GLU A 94 9.60 -23.84 -0.69
C GLU A 94 10.29 -22.95 -1.77
N GLN A 95 9.61 -22.76 -2.90
CA GLN A 95 10.16 -21.95 -3.98
C GLN A 95 10.48 -20.52 -3.51
N ASN A 96 9.66 -19.95 -2.62
CA ASN A 96 9.97 -18.59 -2.16
C ASN A 96 11.11 -18.57 -1.11
N PHE A 97 11.27 -19.67 -0.38
CA PHE A 97 12.41 -19.84 0.52
C PHE A 97 13.67 -19.97 -0.34
N GLN A 98 13.60 -20.74 -1.44
CA GLN A 98 14.78 -20.84 -2.33
C GLN A 98 15.19 -19.49 -2.95
N LEU A 99 14.20 -18.69 -3.38
CA LEU A 99 14.51 -17.36 -3.94
C LEU A 99 15.17 -16.48 -2.85
N ALA A 100 14.63 -16.49 -1.63
CA ALA A 100 15.28 -15.78 -0.48
C ALA A 100 16.75 -16.15 -0.31
N LYS A 101 17.05 -17.44 -0.35
CA LYS A 101 18.47 -17.86 -0.20
C LYS A 101 19.31 -17.37 -1.39
N GLN A 102 18.71 -17.37 -2.60
CA GLN A 102 19.42 -16.87 -3.81
C GLN A 102 19.73 -15.38 -3.65
N ILE A 103 18.74 -14.63 -3.19
CA ILE A 103 18.92 -13.20 -3.02
C ILE A 103 19.98 -12.93 -1.93
N GLN A 104 19.89 -13.67 -0.84
CA GLN A 104 20.88 -13.53 0.21
C GLN A 104 22.30 -13.76 -0.34
N SER A 105 22.48 -14.83 -1.11
CA SER A 105 23.80 -15.11 -1.70
C SER A 105 24.31 -14.00 -2.63
N GLN A 106 23.43 -13.50 -3.50
CA GLN A 106 23.82 -12.49 -4.47
C GLN A 106 24.12 -11.14 -3.82
N TRP A 107 23.28 -10.70 -2.89
CA TRP A 107 23.59 -9.50 -2.11
C TRP A 107 24.97 -9.56 -1.42
N LYS A 108 25.34 -10.73 -0.88
CA LYS A 108 26.71 -10.94 -0.34
C LYS A 108 27.76 -10.75 -1.44
N GLU A 109 27.60 -11.49 -2.54
CA GLU A 109 28.44 -11.41 -3.76
CA GLU A 109 28.55 -11.36 -3.64
C GLU A 109 28.57 -9.94 -4.18
N PHE A 110 27.42 -9.24 -4.20
CA PHE A 110 27.39 -7.83 -4.65
C PHE A 110 28.22 -6.87 -3.75
N GLY A 111 28.58 -7.29 -2.55
CA GLY A 111 29.43 -6.50 -1.65
C GLY A 111 28.85 -6.02 -0.31
N LEU A 112 27.60 -6.35 0.01
CA LEU A 112 27.05 -5.89 1.32
C LEU A 112 27.88 -6.46 2.48
N ASP A 113 27.96 -5.75 3.60
CA ASP A 113 28.74 -6.21 4.76
C ASP A 113 28.19 -7.46 5.44
N SER A 114 26.86 -7.52 5.54
CA SER A 114 26.19 -8.72 6.06
CA SER A 114 26.16 -8.68 6.12
C SER A 114 24.85 -8.88 5.37
N VAL A 115 24.42 -10.13 5.24
CA VAL A 115 23.09 -10.41 4.66
C VAL A 115 22.54 -11.62 5.44
N GLU A 116 21.41 -11.41 6.12
CA GLU A 116 20.82 -12.47 6.94
CA GLU A 116 20.80 -12.40 6.99
C GLU A 116 19.38 -12.75 6.53
N LEU A 117 18.91 -13.95 6.86
CA LEU A 117 17.48 -14.19 6.80
C LEU A 117 16.89 -13.96 8.20
N ALA A 118 15.77 -13.24 8.27
CA ALA A 118 15.03 -13.06 9.51
C ALA A 118 13.72 -13.79 9.23
N HIS A 119 13.44 -14.84 9.99
CA HIS A 119 12.22 -15.64 9.76
C HIS A 119 11.19 -15.45 10.89
N TYR A 120 9.91 -15.66 10.58
CA TYR A 120 8.79 -15.56 11.53
C TYR A 120 7.79 -16.64 11.19
N ASP A 121 6.99 -17.06 12.17
CA ASP A 121 5.95 -18.09 11.94
C ASP A 121 4.61 -17.40 12.08
N VAL A 122 3.98 -17.14 10.94
CA VAL A 122 2.82 -16.26 10.87
C VAL A 122 1.62 -17.00 10.27
N LEU A 123 0.43 -16.47 10.56
CA LEU A 123 -0.78 -17.05 9.99
C LEU A 123 -0.87 -16.75 8.50
N LEU A 124 -0.91 -17.81 7.68
CA LEU A 124 -1.19 -17.68 6.22
C LEU A 124 -2.48 -18.45 5.90
N SER A 125 -2.87 -18.48 4.63
CA SER A 125 -4.14 -19.04 4.16
C SER A 125 -3.93 -19.61 2.76
N TYR A 126 -4.42 -20.83 2.55
CA TYR A 126 -4.29 -21.51 1.28
C TYR A 126 -5.54 -22.29 0.93
N PRO A 127 -5.86 -22.41 -0.37
CA PRO A 127 -6.95 -23.32 -0.75
C PRO A 127 -6.60 -24.75 -0.40
N ASN A 128 -7.63 -25.57 -0.23
CA ASN A 128 -7.44 -27.01 -0.03
C ASN A 128 -7.23 -27.67 -1.40
N LYS A 129 -6.03 -28.19 -1.62
CA LYS A 129 -5.64 -28.90 -2.86
C LYS A 129 -6.62 -30.00 -3.33
N THR A 130 -7.26 -30.71 -2.42
CA THR A 130 -8.15 -31.81 -2.81
C THR A 130 -9.64 -31.51 -2.71
N HIS A 131 -9.99 -30.28 -2.36
CA HIS A 131 -11.37 -29.88 -2.14
C HIS A 131 -11.52 -28.40 -2.60
N PRO A 132 -11.60 -28.17 -3.93
CA PRO A 132 -11.50 -26.83 -4.54
C PRO A 132 -12.66 -25.85 -4.27
N ASN A 133 -12.32 -24.57 -4.16
CA ASN A 133 -13.30 -23.51 -3.96
C ASN A 133 -14.03 -23.24 -5.27
N TYR A 134 -15.34 -23.04 -5.19
CA TYR A 134 -16.11 -22.60 -6.38
C TYR A 134 -17.47 -22.10 -5.94
N ILE A 135 -18.19 -21.51 -6.89
CA ILE A 135 -19.51 -20.98 -6.65
C ILE A 135 -20.44 -21.63 -7.69
N SER A 136 -21.66 -21.91 -7.25
CA SER A 136 -22.73 -22.44 -8.12
C SER A 136 -23.99 -21.59 -8.11
N ILE A 137 -24.75 -21.75 -9.19
CA ILE A 137 -26.16 -21.46 -9.16
C ILE A 137 -26.78 -22.84 -9.01
N ILE A 138 -27.70 -22.94 -8.06
CA ILE A 138 -28.29 -24.19 -7.65
C ILE A 138 -29.81 -24.09 -7.86
N ASN A 139 -30.42 -25.11 -8.46
CA ASN A 139 -31.90 -25.10 -8.62
C ASN A 139 -32.62 -25.58 -7.36
N GLU A 140 -33.97 -25.55 -7.37
CA GLU A 140 -34.75 -25.94 -6.18
C GLU A 140 -34.63 -27.42 -5.80
N ASP A 141 -34.22 -28.26 -6.74
CA ASP A 141 -33.88 -29.66 -6.46
C ASP A 141 -32.49 -29.78 -5.83
N GLY A 142 -31.73 -28.69 -5.86
CA GLY A 142 -30.36 -28.72 -5.37
C GLY A 142 -29.35 -29.17 -6.41
N ASN A 143 -29.72 -29.11 -7.69
CA ASN A 143 -28.77 -29.36 -8.77
C ASN A 143 -27.94 -28.12 -9.07
N GLU A 144 -26.63 -28.29 -9.10
CA GLU A 144 -25.72 -27.17 -9.42
C GLU A 144 -25.66 -27.08 -10.93
N ILE A 145 -26.38 -26.09 -11.47
CA ILE A 145 -26.57 -25.96 -12.93
C ILE A 145 -25.51 -25.08 -13.61
N PHE A 146 -24.71 -24.38 -12.80
CA PHE A 146 -23.61 -23.60 -13.30
C PHE A 146 -22.54 -23.59 -12.21
N ASN A 147 -21.29 -23.76 -12.62
CA ASN A 147 -20.17 -23.69 -11.70
C ASN A 147 -19.15 -22.73 -12.21
N THR A 148 -18.59 -21.92 -11.29
CA THR A 148 -17.49 -21.04 -11.64
C THR A 148 -16.20 -21.87 -11.81
N SER A 149 -15.21 -21.28 -12.45
CA SER A 149 -13.98 -21.97 -12.83
C SER A 149 -13.15 -22.45 -11.65
N LEU A 150 -12.41 -23.55 -11.83
CA LEU A 150 -11.53 -24.01 -10.75
C LEU A 150 -10.12 -23.42 -10.86
N PHE A 151 -9.83 -22.77 -11.99
CA PHE A 151 -8.50 -22.17 -12.19
C PHE A 151 -8.56 -21.25 -13.39
N GLU A 152 -7.61 -20.31 -13.50
CA GLU A 152 -7.48 -19.47 -14.72
C GLU A 152 -6.76 -20.28 -15.81
N PRO A 153 -7.22 -20.18 -17.08
CA PRO A 153 -6.48 -20.83 -18.16
C PRO A 153 -5.04 -20.33 -18.15
N PRO A 154 -4.07 -21.22 -17.97
CA PRO A 154 -2.73 -20.68 -17.86
C PRO A 154 -2.22 -20.08 -19.18
N PRO A 155 -1.31 -19.09 -19.09
CA PRO A 155 -0.81 -18.39 -20.27
C PRO A 155 0.09 -19.30 -21.14
N PRO A 156 0.26 -18.95 -22.43
CA PRO A 156 1.07 -19.74 -23.36
C PRO A 156 2.47 -20.11 -22.85
N GLY A 157 2.80 -21.40 -22.87
CA GLY A 157 4.12 -21.83 -22.43
C GLY A 157 4.24 -22.12 -20.94
N TYR A 158 3.19 -21.80 -20.17
CA TYR A 158 3.11 -22.03 -18.71
C TYR A 158 2.01 -23.02 -18.35
N GLU A 159 1.40 -23.65 -19.34
CA GLU A 159 0.30 -24.58 -19.10
C GLU A 159 0.78 -25.85 -18.34
N ASN A 160 2.10 -26.04 -18.18
CA ASN A 160 2.67 -27.17 -17.42
C ASN A 160 3.42 -26.72 -16.15
N VAL A 161 3.26 -25.46 -15.78
CA VAL A 161 3.83 -25.02 -14.52
C VAL A 161 2.96 -25.60 -13.38
N SER A 162 3.61 -26.20 -12.40
CA SER A 162 2.88 -26.68 -11.24
C SER A 162 2.86 -25.61 -10.10
N ASP A 163 1.96 -25.82 -9.16
CA ASP A 163 1.92 -25.00 -7.98
C ASP A 163 1.47 -23.59 -8.31
N ILE A 164 0.62 -23.42 -9.34
CA ILE A 164 -0.07 -22.15 -9.51
C ILE A 164 -1.25 -22.18 -8.57
N VAL A 165 -1.24 -21.35 -7.54
CA VAL A 165 -2.36 -21.31 -6.63
C VAL A 165 -3.60 -20.82 -7.37
N PRO A 166 -4.72 -21.57 -7.30
CA PRO A 166 -5.94 -21.09 -7.98
C PRO A 166 -6.45 -19.80 -7.34
N PRO A 167 -7.30 -19.03 -8.06
CA PRO A 167 -7.84 -17.83 -7.42
C PRO A 167 -8.57 -18.15 -6.11
N PHE A 168 -8.33 -17.31 -5.12
CA PHE A 168 -9.02 -17.42 -3.84
C PHE A 168 -8.82 -16.13 -3.08
N SER A 169 -9.69 -15.92 -2.08
CA SER A 169 -9.55 -14.80 -1.18
C SER A 169 -8.84 -15.25 0.06
N ALA A 170 -7.62 -14.77 0.27
CA ALA A 170 -6.83 -15.27 1.41
C ALA A 170 -7.48 -14.83 2.72
N PHE A 171 -7.57 -15.79 3.62
CA PHE A 171 -8.14 -15.69 4.99
C PHE A 171 -9.67 -15.80 5.02
N SER A 172 -10.33 -16.05 3.88
CA SER A 172 -11.75 -16.43 3.97
C SER A 172 -11.97 -17.62 4.95
N PRO A 173 -13.03 -17.54 5.77
CA PRO A 173 -13.41 -18.75 6.50
C PRO A 173 -14.03 -19.77 5.54
N GLN A 174 -14.09 -21.01 6.02
CA GLN A 174 -14.84 -22.06 5.34
C GLN A 174 -16.34 -21.87 5.46
N GLY A 175 -17.08 -22.34 4.46
CA GLY A 175 -18.53 -22.39 4.58
C GLY A 175 -19.12 -22.79 3.24
N MET A 176 -20.41 -23.15 3.27
CA MET A 176 -21.14 -23.40 2.06
C MET A 176 -22.47 -22.64 2.03
N PRO A 177 -22.44 -21.32 2.26
CA PRO A 177 -23.70 -20.58 2.32
C PRO A 177 -24.46 -20.57 0.96
N GLU A 178 -25.79 -20.64 1.05
CA GLU A 178 -26.75 -20.66 -0.07
C GLU A 178 -27.70 -19.51 0.15
N GLY A 179 -28.00 -18.74 -0.88
CA GLY A 179 -28.88 -17.58 -0.70
C GLY A 179 -29.15 -16.81 -1.96
N ASP A 180 -29.84 -15.68 -1.83
CA ASP A 180 -30.15 -14.81 -2.98
C ASP A 180 -29.09 -13.72 -3.10
N LEU A 181 -28.78 -13.34 -4.34
CA LEU A 181 -27.76 -12.34 -4.60
C LEU A 181 -28.29 -10.92 -4.43
N VAL A 182 -27.43 -10.05 -3.87
CA VAL A 182 -27.61 -8.61 -4.01
C VAL A 182 -26.32 -8.01 -4.58
N TYR A 183 -26.48 -7.14 -5.57
CA TYR A 183 -25.38 -6.51 -6.24
C TYR A 183 -25.15 -5.15 -5.58
N VAL A 184 -23.91 -4.90 -5.14
CA VAL A 184 -23.63 -3.79 -4.27
C VAL A 184 -22.61 -2.83 -4.90
N ASN A 185 -22.51 -2.84 -6.23
CA ASN A 185 -21.57 -1.98 -6.95
C ASN A 185 -20.13 -2.29 -6.45
N TYR A 186 -19.38 -1.27 -5.99
CA TYR A 186 -18.04 -1.49 -5.47
C TYR A 186 -17.98 -1.84 -4.00
N ALA A 187 -19.15 -2.03 -3.37
CA ALA A 187 -19.23 -2.33 -1.92
C ALA A 187 -18.54 -1.28 -1.05
N ARG A 188 -18.53 -0.02 -1.51
CA ARG A 188 -18.01 1.11 -0.74
C ARG A 188 -19.03 1.51 0.35
N THR A 189 -18.55 2.22 1.36
CA THR A 189 -19.43 2.78 2.37
C THR A 189 -20.65 3.48 1.72
N GLU A 190 -20.38 4.36 0.76
CA GLU A 190 -21.50 5.07 0.11
C GLU A 190 -22.42 4.16 -0.70
N ASP A 191 -21.90 3.00 -1.15
CA ASP A 191 -22.78 2.10 -1.97
C ASP A 191 -23.78 1.45 -1.03
N PHE A 192 -23.30 1.09 0.17
CA PHE A 192 -24.18 0.50 1.18
C PHE A 192 -25.13 1.51 1.77
N PHE A 193 -24.69 2.77 1.92
CA PHE A 193 -25.62 3.87 2.32
C PHE A 193 -26.78 3.95 1.31
N LYS A 194 -26.42 3.91 0.02
CA LYS A 194 -27.40 4.07 -1.08
C LYS A 194 -28.42 2.92 -1.09
N LEU A 195 -27.93 1.70 -0.87
CA LEU A 195 -28.75 0.50 -0.74
C LEU A 195 -29.71 0.53 0.43
N GLU A 196 -29.18 0.74 1.64
CA GLU A 196 -29.97 0.63 2.86
CA GLU A 196 -29.97 0.65 2.88
C GLU A 196 -30.84 1.86 3.11
N ARG A 197 -30.24 3.05 2.96
CA ARG A 197 -30.91 4.31 3.29
C ARG A 197 -31.87 4.80 2.21
N ASP A 198 -31.39 4.80 0.96
CA ASP A 198 -32.16 5.33 -0.18
C ASP A 198 -33.05 4.30 -0.87
N MET A 199 -32.50 3.15 -1.22
CA MET A 199 -33.29 2.14 -1.93
C MET A 199 -34.03 1.17 -1.01
N LYS A 200 -33.72 1.19 0.30
CA LYS A 200 -34.41 0.35 1.30
C LYS A 200 -34.20 -1.14 1.03
N ILE A 201 -32.99 -1.51 0.60
CA ILE A 201 -32.71 -2.91 0.30
C ILE A 201 -31.92 -3.52 1.46
N ASN A 202 -32.30 -4.71 1.90
CA ASN A 202 -31.74 -5.26 3.11
C ASN A 202 -30.77 -6.40 2.75
N CYS A 203 -29.48 -6.24 3.08
CA CYS A 203 -28.50 -7.27 2.77
C CYS A 203 -28.42 -8.39 3.78
N SER A 204 -29.16 -8.27 4.88
CA SER A 204 -29.08 -9.29 5.92
C SER A 204 -29.43 -10.69 5.36
N GLY A 205 -28.51 -11.63 5.55
CA GLY A 205 -28.68 -13.02 5.08
C GLY A 205 -28.60 -13.22 3.56
N LYS A 206 -28.12 -12.21 2.82
CA LYS A 206 -27.99 -12.31 1.35
C LYS A 206 -26.53 -12.60 1.02
N ILE A 207 -26.28 -13.10 -0.19
CA ILE A 207 -24.91 -13.18 -0.71
C ILE A 207 -24.71 -11.93 -1.53
N VAL A 208 -23.70 -11.16 -1.18
CA VAL A 208 -23.44 -9.94 -1.90
C VAL A 208 -22.43 -10.20 -3.05
N ILE A 209 -22.72 -9.63 -4.21
CA ILE A 209 -21.73 -9.63 -5.28
C ILE A 209 -21.27 -8.20 -5.55
N ALA A 210 -19.96 -8.00 -5.50
CA ALA A 210 -19.40 -6.68 -5.67
C ALA A 210 -18.34 -6.70 -6.75
N ARG A 211 -18.24 -5.63 -7.53
CA ARG A 211 -17.08 -5.49 -8.39
C ARG A 211 -15.86 -4.95 -7.68
N TYR A 212 -14.69 -5.47 -8.08
CA TYR A 212 -13.42 -4.97 -7.62
C TYR A 212 -13.21 -3.55 -8.11
N GLY A 213 -12.41 -2.76 -7.37
CA GLY A 213 -11.99 -1.44 -7.87
C GLY A 213 -12.27 -0.38 -6.80
N LYS A 214 -11.62 0.78 -6.94
CA LYS A 214 -11.89 1.99 -6.11
C LYS A 214 -11.37 1.92 -4.69
N VAL A 215 -11.61 0.79 -3.99
CA VAL A 215 -11.11 0.67 -2.60
C VAL A 215 -10.50 -0.71 -2.34
N PHE A 216 -9.69 -0.79 -1.29
CA PHE A 216 -9.11 -2.06 -0.87
C PHE A 216 -10.17 -3.12 -0.64
N ARG A 217 -9.92 -4.33 -1.16
CA ARG A 217 -11.00 -5.36 -1.11
C ARG A 217 -11.37 -5.75 0.32
N GLY A 218 -10.42 -5.61 1.28
CA GLY A 218 -10.72 -5.85 2.71
C GLY A 218 -11.82 -4.90 3.25
N ASN A 219 -11.79 -3.64 2.80
CA ASN A 219 -12.88 -2.73 3.17
C ASN A 219 -14.25 -3.14 2.62
N LYS A 220 -14.26 -3.65 1.40
CA LYS A 220 -15.52 -4.19 0.81
C LYS A 220 -16.10 -5.29 1.70
N VAL A 221 -15.24 -6.20 2.13
CA VAL A 221 -15.68 -7.36 2.88
C VAL A 221 -16.20 -6.91 4.27
N LYS A 222 -15.47 -5.99 4.91
CA LYS A 222 -15.90 -5.43 6.19
C LYS A 222 -17.25 -4.79 6.03
N ASN A 223 -17.39 -4.00 4.97
CA ASN A 223 -18.68 -3.33 4.72
C ASN A 223 -19.82 -4.32 4.51
N ALA A 224 -19.56 -5.40 3.79
CA ALA A 224 -20.62 -6.42 3.52
C ALA A 224 -21.01 -7.11 4.81
N GLN A 225 -19.99 -7.42 5.62
CA GLN A 225 -20.18 -8.10 6.91
C GLN A 225 -21.10 -7.25 7.79
N LEU A 226 -20.78 -5.96 7.91
CA LEU A 226 -21.58 -5.06 8.74
C LEU A 226 -22.98 -4.80 8.19
N ALA A 227 -23.18 -5.05 6.90
CA ALA A 227 -24.48 -5.00 6.28
C ALA A 227 -25.25 -6.32 6.52
N GLY A 228 -24.61 -7.29 7.17
CA GLY A 228 -25.26 -8.56 7.48
C GLY A 228 -25.24 -9.63 6.39
N ALA A 229 -24.38 -9.46 5.38
CA ALA A 229 -24.28 -10.43 4.28
C ALA A 229 -23.80 -11.77 4.83
N LYS A 230 -24.19 -12.86 4.21
CA LYS A 230 -23.68 -14.15 4.62
C LYS A 230 -22.55 -14.66 3.72
N GLY A 231 -22.20 -13.90 2.69
CA GLY A 231 -21.00 -14.20 1.87
C GLY A 231 -20.82 -13.12 0.84
N VAL A 232 -19.62 -13.07 0.25
CA VAL A 232 -19.24 -12.03 -0.69
C VAL A 232 -18.57 -12.69 -1.91
N ILE A 233 -19.02 -12.28 -3.09
CA ILE A 233 -18.42 -12.65 -4.35
C ILE A 233 -17.82 -11.39 -4.96
N LEU A 234 -16.52 -11.43 -5.19
CA LEU A 234 -15.78 -10.30 -5.78
C LEU A 234 -15.52 -10.63 -7.26
N TYR A 235 -15.76 -9.69 -8.18
CA TYR A 235 -15.42 -9.97 -9.61
C TYR A 235 -14.80 -8.77 -10.28
N SER A 236 -14.05 -9.03 -11.37
CA SER A 236 -13.44 -7.95 -12.15
C SER A 236 -14.37 -7.58 -13.30
N ASP A 237 -14.92 -6.38 -13.25
CA ASP A 237 -15.76 -5.90 -14.36
C ASP A 237 -14.88 -5.32 -15.47
N PRO A 238 -15.16 -5.66 -16.74
CA PRO A 238 -14.51 -5.03 -17.89
C PRO A 238 -14.49 -3.50 -17.80
N ALA A 239 -15.49 -2.89 -17.16
CA ALA A 239 -15.44 -1.42 -17.02
C ALA A 239 -14.19 -0.90 -16.31
N ASP A 240 -13.71 -1.70 -15.36
CA ASP A 240 -12.59 -1.34 -14.51
C ASP A 240 -11.26 -2.02 -14.90
N TYR A 241 -11.35 -3.19 -15.54
CA TYR A 241 -10.17 -3.98 -15.90
C TYR A 241 -9.99 -4.29 -17.40
N PHE A 242 -10.72 -3.59 -18.26
CA PHE A 242 -10.52 -3.78 -19.71
C PHE A 242 -10.49 -2.43 -20.42
N ALA A 243 -9.29 -1.98 -20.77
CA ALA A 243 -9.12 -0.71 -21.46
C ALA A 243 -9.64 -0.79 -22.88
N PRO A 244 -10.48 0.17 -23.28
CA PRO A 244 -11.02 0.15 -24.65
C PRO A 244 -9.91 0.11 -25.73
N GLY A 245 -10.07 -0.74 -26.73
CA GLY A 245 -9.17 -0.79 -27.91
C GLY A 245 -7.85 -1.56 -27.73
N VAL A 246 -7.64 -2.14 -26.54
CA VAL A 246 -6.46 -2.99 -26.27
C VAL A 246 -6.87 -4.44 -26.16
N LYS A 247 -6.01 -5.35 -26.60
CA LYS A 247 -6.33 -6.77 -26.63
C LYS A 247 -6.08 -7.46 -25.30
N SER A 248 -6.84 -8.53 -25.05
CA SER A 248 -6.63 -9.47 -23.93
C SER A 248 -5.26 -10.13 -23.98
N TYR A 249 -4.65 -10.37 -22.81
CA TYR A 249 -3.49 -11.28 -22.69
C TYR A 249 -3.80 -12.61 -23.40
N PRO A 250 -2.85 -13.15 -24.21
CA PRO A 250 -1.43 -12.75 -24.39
C PRO A 250 -1.17 -11.74 -25.52
N ASP A 251 -2.21 -11.22 -26.16
CA ASP A 251 -2.00 -10.33 -27.32
C ASP A 251 -1.97 -8.85 -26.95
N GLY A 252 -2.32 -8.54 -25.70
CA GLY A 252 -2.28 -7.16 -25.19
C GLY A 252 -2.28 -7.26 -23.68
N TRP A 253 -2.45 -6.12 -23.03
CA TRP A 253 -2.31 -6.10 -21.57
C TRP A 253 -3.63 -6.14 -20.81
N ASN A 254 -4.73 -6.45 -21.51
CA ASN A 254 -6.05 -6.50 -20.85
C ASN A 254 -6.36 -7.82 -20.19
N LEU A 255 -7.31 -7.77 -19.24
CA LEU A 255 -7.78 -8.93 -18.53
C LEU A 255 -8.72 -9.79 -19.38
N PRO A 256 -8.37 -11.08 -19.61
CA PRO A 256 -9.35 -11.94 -20.27
C PRO A 256 -10.52 -12.34 -19.36
N GLY A 257 -11.59 -12.85 -19.99
CA GLY A 257 -12.81 -13.21 -19.29
C GLY A 257 -12.61 -14.30 -18.24
N GLY A 258 -11.56 -15.10 -18.40
CA GLY A 258 -11.20 -16.13 -17.43
C GLY A 258 -10.22 -15.66 -16.35
N GLY A 259 -9.64 -14.46 -16.50
CA GLY A 259 -8.72 -13.90 -15.47
C GLY A 259 -9.40 -13.54 -14.17
N VAL A 260 -8.66 -13.67 -13.08
CA VAL A 260 -9.18 -13.43 -11.73
C VAL A 260 -8.10 -12.77 -10.86
N GLN A 261 -8.52 -11.77 -10.09
CA GLN A 261 -7.63 -11.10 -9.15
C GLN A 261 -7.62 -11.81 -7.80
N ARG A 262 -6.47 -12.40 -7.42
CA ARG A 262 -6.28 -12.87 -6.05
C ARG A 262 -6.11 -11.71 -5.05
N GLY A 263 -6.14 -12.01 -3.76
CA GLY A 263 -5.79 -10.97 -2.76
C GLY A 263 -6.40 -11.22 -1.39
N ASN A 264 -5.67 -10.83 -0.33
CA ASN A 264 -6.21 -11.06 1.02
C ASN A 264 -7.35 -10.08 1.30
N ILE A 265 -8.22 -10.45 2.24
CA ILE A 265 -9.40 -9.66 2.56
C ILE A 265 -9.40 -9.36 4.06
N LEU A 266 -8.21 -9.25 4.66
CA LEU A 266 -8.10 -8.93 6.10
C LEU A 266 -8.42 -7.45 6.39
N ASN A 267 -8.75 -7.15 7.65
CA ASN A 267 -8.79 -5.78 8.17
C ASN A 267 -7.89 -5.69 9.37
N LEU A 268 -6.58 -5.68 9.11
CA LEU A 268 -5.62 -5.76 10.16
C LEU A 268 -5.37 -4.41 10.85
N ASN A 269 -5.65 -3.30 10.18
CA ASN A 269 -5.35 -1.95 10.76
C ASN A 269 -3.92 -1.83 11.32
N GLY A 270 -2.96 -2.37 10.58
CA GLY A 270 -1.55 -2.21 10.98
C GLY A 270 -1.05 -3.27 11.96
N ALA A 271 -1.84 -4.30 12.28
CA ALA A 271 -1.42 -5.27 13.33
C ALA A 271 -0.29 -6.22 12.94
N GLY A 272 -0.12 -6.50 11.66
CA GLY A 272 0.81 -7.56 11.26
C GLY A 272 0.18 -8.94 11.35
N ASP A 273 0.97 -9.96 11.71
CA ASP A 273 0.42 -11.33 11.89
C ASP A 273 -0.79 -11.33 12.80
N PRO A 274 -1.94 -11.88 12.32
CA PRO A 274 -3.18 -11.81 13.07
C PRO A 274 -3.03 -12.41 14.52
N LEU A 275 -2.10 -13.32 14.68
CA LEU A 275 -1.98 -14.03 15.99
C LEU A 275 -1.06 -13.36 17.03
N THR A 276 -0.25 -12.38 16.62
CA THR A 276 0.80 -11.83 17.53
C THR A 276 0.90 -10.30 17.54
N PRO A 277 -0.25 -9.60 17.63
CA PRO A 277 -0.16 -8.12 17.46
C PRO A 277 0.68 -7.50 18.59
N GLY A 278 1.65 -6.67 18.21
CA GLY A 278 2.55 -5.97 19.13
C GLY A 278 3.94 -6.55 19.21
N TYR A 279 4.08 -7.85 18.87
CA TYR A 279 5.31 -8.59 19.20
C TYR A 279 5.72 -9.45 18.00
N PRO A 280 7.04 -9.68 17.79
CA PRO A 280 7.38 -10.52 16.61
C PRO A 280 6.96 -11.98 16.82
N ALA A 281 6.51 -12.61 15.73
CA ALA A 281 6.08 -14.02 15.74
C ALA A 281 7.35 -14.91 15.70
N ASN A 282 8.12 -14.83 16.78
CA ASN A 282 9.36 -15.55 16.88
C ASN A 282 9.11 -16.99 17.39
N GLU A 283 10.17 -17.71 17.74
N GLU A 283 10.20 -17.67 17.74
CA GLU A 283 10.01 -19.12 18.09
CA GLU A 283 10.14 -19.08 18.15
C GLU A 283 9.43 -19.42 19.47
C GLU A 283 9.18 -19.27 19.33
N TYR A 284 9.31 -18.40 20.32
CA TYR A 284 8.63 -18.60 21.63
C TYR A 284 7.37 -17.75 21.77
N ALA A 285 6.91 -17.15 20.68
CA ALA A 285 5.77 -16.23 20.72
C ALA A 285 4.51 -16.91 21.29
N TYR A 286 3.75 -16.19 22.11
CA TYR A 286 2.43 -16.69 22.55
C TYR A 286 1.45 -16.20 21.51
N ARG A 287 0.61 -17.09 21.02
CA ARG A 287 -0.31 -16.74 19.94
C ARG A 287 -1.71 -16.63 20.46
N ARG A 288 -2.46 -15.65 19.99
CA ARG A 288 -3.90 -15.64 20.25
C ARG A 288 -4.51 -16.90 19.63
N GLY A 289 -5.60 -17.36 20.24
CA GLY A 289 -6.42 -18.37 19.58
C GLY A 289 -7.09 -17.72 18.38
N ILE A 290 -7.47 -18.55 17.41
CA ILE A 290 -8.09 -18.06 16.16
C ILE A 290 -9.30 -17.16 16.39
N ALA A 291 -10.13 -17.48 17.39
CA ALA A 291 -11.31 -16.66 17.68
C ALA A 291 -10.96 -15.24 18.08
N GLU A 292 -9.76 -15.02 18.64
CA GLU A 292 -9.32 -13.67 19.03
C GLU A 292 -8.31 -13.04 18.02
N ALA A 293 -8.04 -13.73 16.90
CA ALA A 293 -7.10 -13.24 15.87
C ALA A 293 -7.58 -11.87 15.38
N VAL A 294 -6.62 -11.06 14.90
CA VAL A 294 -6.97 -9.73 14.41
C VAL A 294 -7.35 -9.80 12.93
N GLY A 295 -8.50 -9.22 12.60
CA GLY A 295 -8.80 -8.83 11.22
C GLY A 295 -9.36 -9.88 10.26
N LEU A 296 -9.66 -11.07 10.77
CA LEU A 296 -10.28 -12.13 9.93
C LEU A 296 -11.73 -11.86 9.59
N PRO A 297 -12.12 -12.14 8.34
CA PRO A 297 -13.53 -12.00 7.94
C PRO A 297 -14.38 -13.11 8.56
N SER A 298 -15.64 -12.81 8.81
CA SER A 298 -16.52 -13.79 9.43
C SER A 298 -17.45 -14.49 8.42
N ILE A 299 -17.40 -14.07 7.16
CA ILE A 299 -18.21 -14.68 6.08
C ILE A 299 -17.34 -15.14 4.91
N PRO A 300 -17.73 -16.22 4.21
CA PRO A 300 -16.90 -16.68 3.09
C PRO A 300 -16.87 -15.67 1.94
N VAL A 301 -15.74 -15.66 1.21
CA VAL A 301 -15.48 -14.67 0.15
C VAL A 301 -14.70 -15.40 -0.95
N HIS A 302 -14.98 -15.08 -2.22
CA HIS A 302 -14.29 -15.72 -3.33
C HIS A 302 -14.31 -14.80 -4.56
N PRO A 303 -13.17 -14.72 -5.31
CA PRO A 303 -13.19 -13.86 -6.49
C PRO A 303 -13.35 -14.65 -7.76
N ILE A 304 -13.92 -14.00 -8.79
CA ILE A 304 -14.17 -14.61 -10.07
C ILE A 304 -13.88 -13.61 -11.20
N GLY A 305 -13.78 -14.14 -12.42
CA GLY A 305 -13.63 -13.30 -13.64
C GLY A 305 -14.97 -12.90 -14.25
N TYR A 306 -14.92 -12.11 -15.31
CA TYR A 306 -16.16 -11.54 -15.84
C TYR A 306 -16.99 -12.52 -16.70
N TYR A 307 -16.39 -13.60 -17.18
CA TYR A 307 -17.22 -14.63 -17.85
C TYR A 307 -18.18 -15.28 -16.85
N ASP A 308 -17.63 -15.62 -15.69
CA ASP A 308 -18.40 -16.22 -14.60
C ASP A 308 -19.36 -15.23 -13.95
N ALA A 309 -18.89 -13.98 -13.78
CA ALA A 309 -19.72 -12.94 -13.20
C ALA A 309 -20.97 -12.69 -14.04
N GLN A 310 -20.78 -12.61 -15.35
CA GLN A 310 -21.90 -12.44 -16.29
C GLN A 310 -23.01 -13.51 -16.10
N LYS A 311 -22.59 -14.75 -15.87
CA LYS A 311 -23.51 -15.85 -15.62
C LYS A 311 -24.27 -15.65 -14.32
N LEU A 312 -23.63 -15.03 -13.34
CA LEU A 312 -24.28 -14.78 -12.06
C LEU A 312 -25.17 -13.54 -12.05
N LEU A 313 -24.79 -12.53 -12.83
CA LEU A 313 -25.51 -11.27 -12.87
C LEU A 313 -26.68 -11.26 -13.85
N GLU A 314 -26.59 -12.08 -14.87
CA GLU A 314 -27.54 -11.94 -15.99
C GLU A 314 -29.00 -12.21 -15.61
N LYS A 315 -29.18 -13.05 -14.60
CA LYS A 315 -30.52 -13.43 -14.19
C LYS A 315 -31.05 -12.55 -13.06
N MET A 316 -30.26 -11.58 -12.60
CA MET A 316 -30.67 -10.71 -11.48
C MET A 316 -31.94 -9.86 -11.69
N GLY A 317 -32.82 -9.90 -10.69
CA GLY A 317 -34.09 -9.17 -10.70
C GLY A 317 -34.13 -8.07 -9.65
N GLY A 318 -35.30 -7.94 -9.00
CA GLY A 318 -35.54 -6.89 -8.03
C GLY A 318 -35.41 -5.51 -8.67
N SER A 319 -34.85 -4.58 -7.91
CA SER A 319 -34.75 -3.18 -8.31
C SER A 319 -33.69 -2.91 -9.37
N ALA A 320 -33.98 -1.97 -10.28
CA ALA A 320 -32.99 -1.46 -11.25
C ALA A 320 -31.81 -0.84 -10.52
N PRO A 321 -30.63 -0.71 -11.19
CA PRO A 321 -29.50 0.05 -10.56
C PRO A 321 -29.98 1.50 -10.34
N PRO A 322 -29.54 2.16 -9.25
CA PRO A 322 -30.09 3.51 -8.99
C PRO A 322 -29.67 4.57 -10.00
N ASP A 323 -28.52 4.38 -10.63
CA ASP A 323 -28.01 5.28 -11.66
C ASP A 323 -26.86 4.62 -12.43
N SER A 324 -26.36 5.32 -13.45
CA SER A 324 -25.34 4.79 -14.36
C SER A 324 -23.98 4.47 -13.68
N SER A 325 -23.66 5.12 -12.56
CA SER A 325 -22.42 4.82 -11.81
C SER A 325 -22.41 3.41 -11.18
N TRP A 326 -23.56 2.76 -11.20
CA TRP A 326 -23.73 1.38 -10.76
C TRP A 326 -23.59 0.34 -11.89
N ARG A 327 -23.64 0.79 -13.15
CA ARG A 327 -23.53 -0.12 -14.30
C ARG A 327 -22.08 -0.24 -14.80
N GLY A 328 -21.58 -1.49 -14.85
CA GLY A 328 -20.31 -1.83 -15.52
C GLY A 328 -20.55 -2.01 -17.02
N SER A 329 -19.65 -2.73 -17.69
CA SER A 329 -19.66 -2.87 -19.15
C SER A 329 -20.20 -4.19 -19.67
N LEU A 330 -20.58 -5.12 -18.80
CA LEU A 330 -21.13 -6.39 -19.29
C LEU A 330 -22.55 -6.21 -19.84
N LYS A 331 -23.03 -7.16 -20.64
CA LYS A 331 -24.39 -7.06 -21.20
C LYS A 331 -25.43 -7.63 -20.25
N VAL A 332 -25.59 -6.96 -19.10
CA VAL A 332 -26.56 -7.32 -18.08
C VAL A 332 -27.19 -6.03 -17.56
N PRO A 333 -28.39 -6.13 -16.93
CA PRO A 333 -29.02 -4.87 -16.49
C PRO A 333 -28.35 -4.26 -15.26
N TYR A 334 -27.56 -5.06 -14.53
CA TYR A 334 -27.01 -4.60 -13.25
C TYR A 334 -28.10 -4.32 -12.22
N ASN A 335 -29.14 -5.17 -12.22
CA ASN A 335 -30.18 -5.08 -11.19
C ASN A 335 -29.54 -5.38 -9.85
N VAL A 336 -30.02 -4.69 -8.83
CA VAL A 336 -29.46 -4.80 -7.50
C VAL A 336 -30.00 -6.03 -6.76
N GLY A 337 -31.14 -6.54 -7.21
CA GLY A 337 -31.74 -7.71 -6.57
C GLY A 337 -32.67 -7.24 -5.48
N PRO A 338 -32.84 -8.05 -4.41
CA PRO A 338 -32.32 -9.40 -4.17
C PRO A 338 -32.88 -10.46 -5.13
N GLY A 339 -32.08 -11.48 -5.41
CA GLY A 339 -32.56 -12.66 -6.14
C GLY A 339 -32.74 -12.44 -7.64
N PHE A 340 -33.19 -13.50 -8.31
CA PHE A 340 -33.30 -13.54 -9.77
C PHE A 340 -34.70 -13.15 -10.25
N THR A 341 -34.84 -12.77 -11.53
CA THR A 341 -36.18 -12.44 -12.08
C THR A 341 -37.09 -13.67 -12.19
N GLY A 342 -38.40 -13.40 -12.23
CA GLY A 342 -39.48 -14.40 -12.25
C GLY A 342 -39.23 -15.88 -12.51
N ASN A 343 -38.77 -16.20 -13.71
CA ASN A 343 -38.56 -17.61 -14.12
C ASN A 343 -37.58 -18.38 -13.24
N PHE A 344 -36.58 -17.64 -12.75
CA PHE A 344 -35.48 -18.23 -12.00
C PHE A 344 -35.55 -17.88 -10.51
N SER A 345 -36.69 -17.38 -10.06
CA SER A 345 -36.82 -16.85 -8.70
C SER A 345 -36.50 -17.89 -7.63
N THR A 346 -36.58 -19.16 -8.01
CA THR A 346 -36.40 -20.28 -7.10
C THR A 346 -34.97 -20.81 -7.11
N GLN A 347 -34.18 -20.30 -8.04
CA GLN A 347 -32.76 -20.62 -8.07
C GLN A 347 -32.04 -19.77 -7.02
N LYS A 348 -30.89 -20.26 -6.56
CA LYS A 348 -30.09 -19.62 -5.53
C LYS A 348 -28.62 -19.72 -5.91
N VAL A 349 -27.77 -18.94 -5.21
CA VAL A 349 -26.34 -19.03 -5.41
C VAL A 349 -25.74 -19.77 -4.19
N LYS A 350 -24.82 -20.70 -4.44
CA LYS A 350 -24.14 -21.42 -3.38
C LYS A 350 -22.62 -21.30 -3.51
N MET A 351 -21.97 -20.89 -2.43
CA MET A 351 -20.51 -20.80 -2.38
C MET A 351 -19.99 -22.12 -1.79
N HIS A 352 -18.77 -22.52 -2.15
CA HIS A 352 -18.14 -23.65 -1.47
C HIS A 352 -16.72 -23.25 -1.15
N ILE A 353 -16.45 -22.90 0.11
CA ILE A 353 -15.09 -22.43 0.41
C ILE A 353 -14.46 -23.35 1.45
N HIS A 354 -13.29 -23.90 1.13
CA HIS A 354 -12.61 -24.86 2.02
C HIS A 354 -11.15 -24.50 2.33
N SER A 355 -10.77 -23.24 2.07
CA SER A 355 -9.42 -22.75 2.41
C SER A 355 -9.16 -22.91 3.90
N THR A 356 -7.87 -23.06 4.28
CA THR A 356 -7.48 -23.20 5.68
C THR A 356 -6.42 -22.15 6.01
N ASN A 357 -6.44 -21.70 7.26
CA ASN A 357 -5.43 -20.77 7.75
C ASN A 357 -4.41 -21.63 8.50
N GLU A 358 -3.13 -21.37 8.27
CA GLU A 358 -2.14 -22.17 8.97
C GLU A 358 -0.89 -21.38 9.22
N VAL A 359 -0.32 -21.60 10.39
CA VAL A 359 0.88 -20.89 10.83
C VAL A 359 2.05 -21.48 10.00
N THR A 360 2.78 -20.59 9.31
CA THR A 360 3.71 -20.95 8.24
C THR A 360 4.95 -20.05 8.38
N ARG A 361 6.15 -20.63 8.20
CA ARG A 361 7.39 -19.84 8.27
C ARG A 361 7.58 -18.96 7.02
N ILE A 362 8.00 -17.73 7.27
CA ILE A 362 8.27 -16.77 6.20
C ILE A 362 9.67 -16.23 6.42
N TYR A 363 10.28 -15.65 5.38
CA TYR A 363 11.68 -15.29 5.48
C TYR A 363 11.93 -13.93 4.86
N ASN A 364 12.44 -13.00 5.65
CA ASN A 364 12.90 -11.72 5.06
C ASN A 364 14.40 -11.81 4.83
N VAL A 365 14.88 -11.21 3.72
CA VAL A 365 16.32 -11.02 3.57
C VAL A 365 16.67 -9.59 3.99
N ILE A 366 17.66 -9.45 4.87
CA ILE A 366 18.04 -8.15 5.46
C ILE A 366 19.54 -7.95 5.17
N GLY A 367 19.83 -6.99 4.28
CA GLY A 367 21.22 -6.69 3.85
C GLY A 367 21.69 -5.39 4.51
N THR A 368 22.94 -5.31 4.95
CA THR A 368 23.45 -4.12 5.67
C THR A 368 24.65 -3.59 4.91
N LEU A 369 24.66 -2.27 4.64
CA LEU A 369 25.87 -1.59 4.16
C LEU A 369 26.25 -0.57 5.25
N ARG A 370 27.25 -0.88 6.10
N ARG A 370 27.27 -0.87 6.07
CA ARG A 370 27.53 -0.04 7.29
CA ARG A 370 27.57 -0.01 7.22
C ARG A 370 28.02 1.37 6.89
C ARG A 370 28.01 1.40 6.82
N GLY A 371 27.41 2.40 7.48
CA GLY A 371 27.83 3.80 7.34
C GLY A 371 29.26 4.07 7.83
N ALA A 372 29.98 4.91 7.10
CA ALA A 372 31.36 5.31 7.47
C ALA A 372 31.39 6.23 8.68
N VAL A 373 30.36 7.09 8.80
CA VAL A 373 30.42 8.17 9.80
C VAL A 373 29.28 8.05 10.83
N GLU A 374 28.07 7.73 10.37
CA GLU A 374 26.91 7.55 11.28
C GLU A 374 26.30 6.15 11.06
N PRO A 375 27.01 5.11 11.49
CA PRO A 375 26.55 3.74 11.32
C PRO A 375 25.27 3.46 12.12
N ASP A 376 24.99 4.28 13.14
CA ASP A 376 23.74 4.16 13.93
C ASP A 376 22.61 5.03 13.40
N ARG A 377 22.61 5.33 12.10
CA ARG A 377 21.51 6.05 11.45
C ARG A 377 21.19 5.20 10.26
N TYR A 378 19.91 4.83 10.13
CA TYR A 378 19.48 3.83 9.11
C TYR A 378 18.60 4.40 8.04
N VAL A 379 19.03 4.26 6.78
CA VAL A 379 18.18 4.55 5.64
C VAL A 379 17.81 3.17 5.05
N ILE A 380 16.50 2.93 4.95
CA ILE A 380 16.00 1.59 4.57
C ILE A 380 15.37 1.62 3.19
N LEU A 381 15.84 0.72 2.31
CA LEU A 381 15.17 0.45 1.04
C LEU A 381 14.56 -0.93 1.13
N GLY A 382 13.22 -1.01 1.08
CA GLY A 382 12.54 -2.30 1.35
C GLY A 382 11.41 -2.54 0.37
N GLY A 383 11.27 -3.81 -0.04
CA GLY A 383 10.13 -4.15 -0.89
C GLY A 383 9.97 -5.65 -0.82
N HIS A 384 8.80 -6.13 -1.21
CA HIS A 384 8.53 -7.58 -1.02
C HIS A 384 8.93 -8.44 -2.21
N ARG A 385 8.98 -9.75 -1.97
CA ARG A 385 9.51 -10.75 -2.86
C ARG A 385 8.42 -11.79 -3.12
N ASP A 386 7.50 -12.00 -2.16
CA ASP A 386 6.45 -13.06 -2.33
C ASP A 386 5.47 -12.56 -3.35
N SER A 387 4.89 -13.45 -4.13
CA SER A 387 3.98 -13.03 -5.22
C SER A 387 2.76 -13.95 -5.19
N TRP A 388 1.66 -13.54 -5.84
CA TRP A 388 0.53 -14.46 -5.92
C TRP A 388 0.83 -15.61 -6.86
N VAL A 389 1.37 -15.30 -8.05
CA VAL A 389 1.80 -16.35 -8.99
C VAL A 389 3.22 -15.95 -9.46
N PHE A 390 3.38 -15.48 -10.70
CA PHE A 390 4.72 -15.23 -11.23
C PHE A 390 5.27 -13.86 -10.84
N GLY A 391 4.38 -12.93 -10.51
CA GLY A 391 4.85 -11.62 -9.99
C GLY A 391 5.58 -10.75 -11.00
N GLY A 392 5.21 -10.90 -12.28
CA GLY A 392 5.85 -10.21 -13.41
C GLY A 392 5.91 -8.71 -13.14
N ILE A 393 4.83 -8.15 -12.61
CA ILE A 393 4.90 -6.74 -12.18
C ILE A 393 5.00 -6.70 -10.65
N ASP A 394 4.05 -7.35 -10.02
CA ASP A 394 3.93 -7.28 -8.58
C ASP A 394 4.42 -8.56 -7.87
N PRO A 395 5.59 -8.53 -7.22
CA PRO A 395 6.47 -7.39 -6.96
C PRO A 395 7.76 -7.36 -7.79
N GLN A 396 7.96 -8.34 -8.67
CA GLN A 396 9.35 -8.54 -9.15
C GLN A 396 9.86 -7.37 -10.01
N SER A 397 8.97 -6.60 -10.63
CA SER A 397 9.44 -5.33 -11.28
C SER A 397 10.10 -4.37 -10.28
N GLY A 398 9.65 -4.43 -9.02
CA GLY A 398 10.22 -3.66 -7.91
C GLY A 398 11.50 -4.32 -7.40
N ALA A 399 11.42 -5.64 -7.13
CA ALA A 399 12.57 -6.40 -6.55
C ALA A 399 13.81 -6.43 -7.45
N ALA A 400 13.59 -6.49 -8.77
CA ALA A 400 14.66 -6.45 -9.76
C ALA A 400 15.38 -5.10 -9.73
N VAL A 401 14.61 -4.04 -9.51
CA VAL A 401 15.19 -2.70 -9.34
C VAL A 401 16.01 -2.63 -8.02
N VAL A 402 15.45 -3.15 -6.94
CA VAL A 402 16.21 -3.19 -5.68
C VAL A 402 17.56 -3.94 -5.90
N HIS A 403 17.48 -5.09 -6.57
CA HIS A 403 18.63 -5.96 -6.80
C HIS A 403 19.71 -5.17 -7.53
N GLU A 404 19.34 -4.42 -8.57
CA GLU A 404 20.32 -3.57 -9.31
C GLU A 404 20.86 -2.43 -8.47
N ILE A 405 20.00 -1.83 -7.66
CA ILE A 405 20.44 -0.78 -6.72
C ILE A 405 21.49 -1.33 -5.74
N VAL A 406 21.23 -2.48 -5.12
CA VAL A 406 22.24 -3.16 -4.29
C VAL A 406 23.53 -3.39 -5.08
N ARG A 407 23.39 -3.94 -6.28
CA ARG A 407 24.58 -4.17 -7.11
C ARG A 407 25.41 -2.89 -7.30
N SER A 408 24.75 -1.78 -7.62
CA SER A 408 25.49 -0.53 -7.84
C SER A 408 26.15 -0.01 -6.57
N PHE A 409 25.40 0.06 -5.46
CA PHE A 409 26.00 0.46 -4.18
C PHE A 409 27.18 -0.44 -3.85
N GLY A 410 27.05 -1.76 -4.09
CA GLY A 410 28.13 -2.70 -3.82
C GLY A 410 29.36 -2.45 -4.71
N THR A 411 29.13 -2.03 -5.94
CA THR A 411 30.27 -1.74 -6.83
C THR A 411 31.10 -0.59 -6.24
N LEU A 412 30.42 0.45 -5.78
CA LEU A 412 31.10 1.59 -5.18
C LEU A 412 31.82 1.15 -3.91
N LYS A 413 31.15 0.31 -3.11
CA LYS A 413 31.78 -0.21 -1.89
C LYS A 413 33.09 -0.95 -2.18
N LYS A 414 33.09 -1.81 -3.20
CA LYS A 414 34.30 -2.53 -3.61
C LYS A 414 35.47 -1.63 -3.98
N GLU A 415 35.17 -0.44 -4.47
CA GLU A 415 36.22 0.57 -4.79
C GLU A 415 36.67 1.43 -3.58
N GLY A 416 36.11 1.13 -2.42
CA GLY A 416 36.52 1.77 -1.17
C GLY A 416 35.53 2.78 -0.62
N TRP A 417 34.41 2.99 -1.31
CA TRP A 417 33.44 3.98 -0.85
C TRP A 417 32.52 3.35 0.19
N ARG A 418 32.05 4.14 1.14
CA ARG A 418 30.87 3.76 1.96
C ARG A 418 29.96 4.97 2.08
N PRO A 419 28.64 4.74 2.24
CA PRO A 419 27.77 5.85 2.53
C PRO A 419 28.06 6.41 3.93
N ARG A 420 27.68 7.65 4.14
CA ARG A 420 27.86 8.27 5.45
C ARG A 420 27.04 7.52 6.53
N ARG A 421 25.79 7.25 6.21
CA ARG A 421 24.85 6.52 7.13
C ARG A 421 24.68 5.08 6.68
N THR A 422 24.25 4.19 7.58
CA THR A 422 24.01 2.80 7.23
C THR A 422 22.80 2.70 6.31
N ILE A 423 22.92 1.87 5.26
CA ILE A 423 21.78 1.53 4.44
C ILE A 423 21.40 0.09 4.72
N LEU A 424 20.11 -0.11 4.99
CA LEU A 424 19.53 -1.46 5.12
C LEU A 424 18.68 -1.73 3.90
N PHE A 425 18.85 -2.93 3.37
CA PHE A 425 18.09 -3.37 2.20
C PHE A 425 17.27 -4.56 2.62
N ALA A 426 16.00 -4.53 2.24
CA ALA A 426 15.07 -5.62 2.64
C ALA A 426 14.31 -6.21 1.45
N SER A 427 14.25 -7.54 1.45
CA SER A 427 13.39 -8.34 0.63
C SER A 427 12.32 -8.96 1.56
N TRP A 428 11.12 -8.35 1.63
CA TRP A 428 10.10 -8.73 2.61
C TRP A 428 9.33 -9.96 2.10
N ASP A 429 8.93 -10.81 3.05
CA ASP A 429 8.08 -11.95 2.69
C ASP A 429 6.65 -11.62 3.13
N ALA A 430 5.69 -12.39 2.59
CA ALA A 430 4.27 -12.35 2.94
C ALA A 430 3.61 -10.96 2.88
N GLU A 431 4.09 -10.08 2.04
CA GLU A 431 3.39 -8.82 1.90
C GLU A 431 1.97 -9.11 1.43
N GLU A 432 1.82 -10.11 0.55
CA GLU A 432 0.48 -10.33 -0.04
C GLU A 432 -0.54 -10.78 0.99
N PHE A 433 -0.06 -11.30 2.12
CA PHE A 433 -0.95 -11.79 3.15
C PHE A 433 -1.16 -10.84 4.28
N GLY A 434 -0.72 -9.58 4.09
CA GLY A 434 -1.08 -8.56 5.11
C GLY A 434 0.13 -7.77 5.61
N LEU A 435 1.10 -7.58 4.74
CA LEU A 435 2.33 -6.81 5.13
C LEU A 435 3.05 -7.57 6.32
N LEU A 436 3.02 -8.89 6.31
CA LEU A 436 3.38 -9.61 7.52
C LEU A 436 4.88 -9.57 7.77
N GLY A 437 5.67 -9.78 6.72
CA GLY A 437 7.12 -9.83 6.86
C GLY A 437 7.74 -8.50 7.33
N SER A 438 7.37 -7.37 6.69
CA SER A 438 7.90 -6.06 7.11
C SER A 438 7.41 -5.75 8.55
N THR A 439 6.13 -6.04 8.82
CA THR A 439 5.55 -5.70 10.12
C THR A 439 6.18 -6.51 11.25
N GLU A 440 6.35 -7.82 11.08
CA GLU A 440 6.99 -8.60 12.17
C GLU A 440 8.43 -8.15 12.42
N TRP A 441 9.17 -7.91 11.34
CA TRP A 441 10.58 -7.48 11.49
C TRP A 441 10.60 -6.11 12.22
N ALA A 442 9.69 -5.20 11.87
CA ALA A 442 9.69 -3.90 12.55
C ALA A 442 9.25 -4.02 14.01
N GLU A 443 8.35 -4.96 14.31
CA GLU A 443 7.99 -5.22 15.73
C GLU A 443 9.19 -5.76 16.50
N GLU A 444 9.97 -6.63 15.84
CA GLU A 444 11.16 -7.16 16.50
C GLU A 444 12.18 -6.03 16.78
N ASN A 445 12.34 -5.14 15.81
CA ASN A 445 13.43 -4.13 15.82
C ASN A 445 12.96 -2.72 16.16
N SER A 446 11.77 -2.63 16.77
CA SER A 446 11.13 -1.33 16.92
C SER A 446 11.97 -0.28 17.69
N ARG A 447 12.68 -0.70 18.72
CA ARG A 447 13.51 0.24 19.47
C ARG A 447 14.67 0.80 18.63
N LEU A 448 15.30 -0.05 17.83
CA LEU A 448 16.38 0.41 16.92
C LEU A 448 15.81 1.40 15.90
N LEU A 449 14.66 1.03 15.34
CA LEU A 449 14.05 1.85 14.29
C LEU A 449 13.58 3.18 14.81
N GLN A 450 12.96 3.13 15.99
N GLN A 450 13.00 3.22 15.99
CA GLN A 450 12.51 4.28 16.80
CA GLN A 450 12.46 4.47 16.45
C GLN A 450 13.58 5.36 16.82
C GLN A 450 13.56 5.44 16.93
N GLU A 451 14.74 4.94 17.32
CA GLU A 451 15.78 5.88 17.73
C GLU A 451 16.80 6.12 16.62
N ARG A 452 16.81 5.24 15.62
CA ARG A 452 17.84 5.35 14.56
C ARG A 452 17.35 5.48 13.11
N GLY A 453 16.04 5.38 12.87
CA GLY A 453 15.48 5.23 11.53
C GLY A 453 15.36 6.62 10.92
N VAL A 454 16.18 6.87 9.90
CA VAL A 454 16.11 8.14 9.19
C VAL A 454 14.93 8.18 8.24
N ALA A 455 14.83 7.15 7.38
CA ALA A 455 13.85 7.12 6.30
C ALA A 455 13.65 5.68 5.83
N TYR A 456 12.46 5.44 5.27
CA TYR A 456 12.14 4.20 4.61
C TYR A 456 11.64 4.53 3.20
N ILE A 457 12.26 3.92 2.22
CA ILE A 457 11.86 4.02 0.85
C ILE A 457 11.30 2.62 0.44
N ASN A 458 10.03 2.57 0.03
CA ASN A 458 9.41 1.35 -0.41
C ASN A 458 9.85 0.93 -1.82
N ALA A 459 9.63 -0.35 -2.14
CA ALA A 459 10.08 -0.82 -3.47
C ALA A 459 9.26 -2.01 -3.95
N ASP A 460 7.95 -1.83 -4.01
CA ASP A 460 7.10 -2.79 -4.73
C ASP A 460 7.15 -2.40 -6.23
N SER A 461 6.22 -2.93 -7.03
CA SER A 461 6.15 -2.71 -8.48
C SER A 461 6.70 -1.35 -8.95
N SER A 462 7.68 -1.42 -9.85
CA SER A 462 8.30 -0.20 -10.40
C SER A 462 7.42 0.42 -11.50
N ILE A 463 6.56 -0.38 -12.09
CA ILE A 463 5.68 0.12 -13.17
C ILE A 463 4.28 -0.37 -12.91
N GLU A 464 3.27 0.46 -13.19
CA GLU A 464 1.90 -0.04 -13.29
C GLU A 464 1.28 0.57 -14.54
N GLY A 465 2.14 1.15 -15.37
CA GLY A 465 1.75 1.86 -16.60
C GLY A 465 3.02 2.44 -17.20
N ASN A 466 2.92 3.23 -18.25
CA ASN A 466 4.12 3.77 -18.87
C ASN A 466 3.94 5.24 -19.19
N TYR A 467 3.08 5.92 -18.44
CA TYR A 467 2.73 7.29 -18.73
C TYR A 467 3.64 8.31 -18.02
N THR A 468 3.71 8.26 -16.69
CA THR A 468 4.51 9.25 -15.96
C THR A 468 4.84 8.70 -14.59
N LEU A 469 5.62 9.47 -13.83
CA LEU A 469 5.93 9.12 -12.43
C LEU A 469 4.78 9.30 -11.49
N ARG A 470 4.74 8.47 -10.45
CA ARG A 470 3.76 8.61 -9.40
C ARG A 470 4.57 8.54 -8.12
N VAL A 471 4.44 9.56 -7.26
CA VAL A 471 5.17 9.61 -5.99
C VAL A 471 4.21 9.86 -4.85
N ASP A 472 4.30 9.03 -3.81
CA ASP A 472 3.60 9.26 -2.52
C ASP A 472 4.69 9.31 -1.48
N CYS A 473 4.68 10.34 -0.63
CA CYS A 473 5.68 10.47 0.39
C CYS A 473 5.29 11.51 1.42
N THR A 474 5.98 11.44 2.55
CA THR A 474 5.92 12.51 3.52
C THR A 474 6.29 13.89 2.96
N PRO A 475 5.59 14.95 3.41
CA PRO A 475 6.07 16.30 2.98
C PRO A 475 7.59 16.57 3.22
N LEU A 476 8.18 15.87 4.20
CA LEU A 476 9.62 16.05 4.49
C LEU A 476 10.53 15.66 3.31
N MET A 477 10.02 14.85 2.39
CA MET A 477 10.79 14.45 1.23
C MET A 477 10.41 15.20 -0.05
N TYR A 478 9.44 16.12 -0.02
CA TYR A 478 9.08 16.83 -1.29
C TYR A 478 10.26 17.46 -2.02
N SER A 479 11.02 18.28 -1.30
CA SER A 479 12.13 19.02 -1.91
C SER A 479 13.21 18.10 -2.43
N LEU A 480 13.57 17.07 -1.67
CA LEU A 480 14.46 16.02 -2.16
C LEU A 480 13.95 15.46 -3.52
N VAL A 481 12.66 15.15 -3.61
CA VAL A 481 12.11 14.58 -4.88
C VAL A 481 12.10 15.57 -6.03
N TYR A 482 11.66 16.79 -5.78
CA TYR A 482 11.72 17.81 -6.85
C TYR A 482 13.16 17.96 -7.33
N ASN A 483 14.09 18.10 -6.38
CA ASN A 483 15.50 18.32 -6.79
C ASN A 483 16.12 17.15 -7.55
N LEU A 484 15.86 15.94 -7.07
CA LEU A 484 16.41 14.77 -7.75
C LEU A 484 15.82 14.63 -9.15
N THR A 485 14.50 14.75 -9.29
CA THR A 485 13.87 14.56 -10.61
C THR A 485 14.31 15.63 -11.62
N LYS A 486 14.77 16.78 -11.11
CA LYS A 486 15.31 17.81 -12.01
C LYS A 486 16.66 17.41 -12.60
N GLU A 487 17.36 16.49 -11.94
CA GLU A 487 18.69 16.05 -12.36
C GLU A 487 18.66 14.74 -13.14
N LEU A 488 17.48 14.13 -13.28
CA LEU A 488 17.31 12.89 -14.05
C LEU A 488 16.69 13.14 -15.44
N LYS A 489 17.08 12.33 -16.41
CA LYS A 489 16.55 12.48 -17.78
C LYS A 489 15.17 11.85 -17.86
N SER A 490 14.25 12.48 -18.58
CA SER A 490 12.94 11.87 -18.79
C SER A 490 13.04 10.72 -19.79
N PRO A 491 12.40 9.56 -19.50
CA PRO A 491 12.42 8.46 -20.46
C PRO A 491 11.25 8.55 -21.45
N ASP A 492 10.44 9.62 -21.35
CA ASP A 492 9.17 9.75 -22.07
C ASP A 492 9.37 10.19 -23.53
N GLU A 493 8.59 9.58 -24.41
CA GLU A 493 8.58 9.96 -25.83
C GLU A 493 8.16 11.43 -25.95
N GLY A 494 8.86 12.24 -26.75
CA GLY A 494 8.57 13.68 -26.84
C GLY A 494 9.28 14.54 -25.79
N PHE A 495 9.90 13.92 -24.79
CA PHE A 495 10.68 14.68 -23.81
C PHE A 495 12.17 14.31 -23.80
N GLU A 496 12.68 13.82 -24.92
CA GLU A 496 14.10 13.45 -24.97
C GLU A 496 14.92 14.75 -24.80
N GLY A 497 15.93 14.70 -23.94
CA GLY A 497 16.68 15.92 -23.62
C GLY A 497 16.05 16.75 -22.51
N LYS A 498 14.90 16.33 -22.01
CA LYS A 498 14.26 17.05 -20.92
C LYS A 498 14.40 16.27 -19.64
N SER A 499 14.24 16.97 -18.53
CA SER A 499 14.32 16.33 -17.20
C SER A 499 13.05 15.55 -16.89
N LEU A 500 13.18 14.58 -15.99
CA LEU A 500 12.03 13.83 -15.48
C LEU A 500 11.08 14.81 -14.78
N TYR A 501 11.64 15.82 -14.09
CA TYR A 501 10.82 16.85 -13.44
C TYR A 501 9.90 17.51 -14.47
N GLU A 502 10.44 17.89 -15.62
CA GLU A 502 9.61 18.54 -16.63
C GLU A 502 8.46 17.65 -17.14
N SER A 503 8.74 16.39 -17.44
CA SER A 503 7.71 15.56 -18.05
C SER A 503 6.66 15.15 -17.02
N TRP A 504 7.12 14.87 -15.80
CA TRP A 504 6.24 14.56 -14.68
C TRP A 504 5.34 15.75 -14.35
N THR A 505 5.92 16.95 -14.32
CA THR A 505 5.14 18.13 -13.94
C THR A 505 4.08 18.43 -15.03
N LYS A 506 4.48 18.31 -16.29
CA LYS A 506 3.55 18.47 -17.40
C LYS A 506 2.41 17.42 -17.40
N LYS A 507 2.72 16.15 -17.14
CA LYS A 507 1.71 15.09 -17.21
C LYS A 507 0.87 14.91 -15.95
N SER A 508 1.37 15.38 -14.81
CA SER A 508 0.70 15.17 -13.54
C SER A 508 0.78 16.46 -12.71
N PRO A 509 0.11 17.55 -13.18
CA PRO A 509 0.25 18.83 -12.48
C PRO A 509 -0.38 18.76 -11.08
N SER A 510 0.26 19.42 -10.12
CA SER A 510 -0.29 19.50 -8.77
C SER A 510 -1.58 20.31 -8.81
N PRO A 511 -2.65 19.81 -8.19
CA PRO A 511 -3.90 20.61 -8.13
C PRO A 511 -3.83 21.67 -7.05
N GLU A 512 -3.23 21.32 -5.91
CA GLU A 512 -3.07 22.24 -4.77
C GLU A 512 -1.99 23.32 -4.97
N PHE A 513 -0.90 22.95 -5.64
CA PHE A 513 0.24 23.85 -5.80
C PHE A 513 0.54 24.03 -7.26
N SER A 514 0.03 25.14 -7.80
CA SER A 514 0.21 25.44 -9.21
C SER A 514 1.68 25.36 -9.63
N GLY A 515 1.93 24.76 -10.80
CA GLY A 515 3.28 24.68 -11.39
C GLY A 515 4.19 23.55 -10.91
N MET A 516 3.79 22.84 -9.84
CA MET A 516 4.54 21.71 -9.29
C MET A 516 3.94 20.38 -9.81
N PRO A 517 4.72 19.28 -9.80
CA PRO A 517 4.04 17.99 -10.01
C PRO A 517 3.25 17.55 -8.80
N ARG A 518 2.23 16.72 -9.02
CA ARG A 518 1.46 16.14 -7.95
C ARG A 518 2.27 15.12 -7.12
N ILE A 519 2.26 15.30 -5.81
CA ILE A 519 2.71 14.25 -4.86
C ILE A 519 1.56 13.89 -3.93
N SER A 520 1.25 12.61 -3.83
CA SER A 520 0.11 12.18 -3.03
C SER A 520 0.53 11.86 -1.61
N LYS A 521 -0.49 11.76 -0.76
CA LYS A 521 -0.35 11.31 0.62
C LYS A 521 0.00 9.82 0.59
N LEU A 522 0.70 9.36 1.62
CA LEU A 522 0.86 7.93 1.82
C LEU A 522 -0.40 7.42 2.44
N GLY A 523 -0.96 6.35 1.85
CA GLY A 523 -2.01 5.62 2.52
C GLY A 523 -1.41 4.38 3.12
N SER A 524 -2.03 3.21 2.88
CA SER A 524 -1.38 1.98 3.24
C SER A 524 -1.61 0.91 2.17
N GLY A 525 -1.60 -0.36 2.56
CA GLY A 525 -1.71 -1.44 1.58
C GLY A 525 -0.33 -1.78 0.98
N ASN A 526 0.75 -1.36 1.65
CA ASN A 526 2.08 -1.81 1.25
C ASN A 526 3.07 -1.71 2.40
N ASP A 527 4.34 -2.08 2.17
CA ASP A 527 5.22 -2.43 3.31
C ASP A 527 5.75 -1.21 4.07
N PHE A 528 5.50 -0.01 3.57
CA PHE A 528 5.91 1.17 4.35
C PHE A 528 4.97 1.39 5.57
N GLU A 529 3.85 0.67 5.66
CA GLU A 529 2.82 1.02 6.67
C GLU A 529 3.38 1.02 8.10
N VAL A 530 4.08 -0.04 8.49
CA VAL A 530 4.55 -0.12 9.89
C VAL A 530 5.57 1.01 10.17
N PHE A 531 6.41 1.30 9.17
CA PHE A 531 7.46 2.32 9.36
C PHE A 531 6.88 3.71 9.51
N PHE A 532 5.89 4.02 8.69
CA PHE A 532 5.31 5.37 8.67
C PHE A 532 4.15 5.56 9.72
N GLN A 533 3.08 4.76 9.58
CA GLN A 533 1.87 5.01 10.39
C GLN A 533 2.07 4.51 11.85
N ARG A 534 2.86 3.44 12.05
CA ARG A 534 3.07 2.98 13.43
C ARG A 534 4.26 3.66 14.10
N LEU A 535 5.42 3.66 13.39
CA LEU A 535 6.65 4.12 14.00
C LEU A 535 7.02 5.59 13.75
N GLY A 536 6.47 6.21 12.72
CA GLY A 536 6.74 7.66 12.46
C GLY A 536 8.09 7.91 11.82
N ILE A 537 8.51 7.00 10.96
CA ILE A 537 9.77 7.19 10.21
C ILE A 537 9.40 7.76 8.82
N ALA A 538 10.05 8.86 8.45
CA ALA A 538 9.76 9.54 7.17
C ALA A 538 9.79 8.48 6.03
N SER A 539 8.73 8.40 5.20
CA SER A 539 8.69 7.34 4.19
C SER A 539 8.34 7.91 2.84
N GLY A 540 8.73 7.20 1.79
CA GLY A 540 8.30 7.55 0.45
C GLY A 540 8.21 6.35 -0.48
N ARG A 541 7.61 6.58 -1.65
CA ARG A 541 7.57 5.55 -2.71
C ARG A 541 7.43 6.25 -4.07
N ALA A 542 7.87 5.58 -5.15
CA ALA A 542 7.84 6.18 -6.50
C ALA A 542 7.73 5.04 -7.50
N ARG A 543 6.91 5.19 -8.54
CA ARG A 543 6.80 4.16 -9.57
C ARG A 543 6.32 4.85 -10.84
N TYR A 544 6.45 4.21 -12.00
CA TYR A 544 5.77 4.71 -13.19
C TYR A 544 4.33 4.21 -13.19
N THR A 545 3.41 5.02 -13.75
CA THR A 545 1.99 4.71 -13.67
C THR A 545 1.25 5.06 -14.98
N LYS A 546 -0.04 4.71 -15.02
CA LYS A 546 -0.95 5.03 -16.12
C LYS A 546 -1.48 6.46 -16.04
N ASN A 547 -2.24 6.86 -17.05
CA ASN A 547 -2.95 8.15 -17.04
C ASN A 547 -4.13 8.18 -16.03
N ASN A 551 -9.15 5.45 -11.77
CA ASN A 551 -8.73 4.05 -11.55
C ASN A 551 -7.50 3.83 -10.66
N LYS A 552 -7.01 4.90 -10.02
CA LYS A 552 -5.75 4.85 -9.26
C LYS A 552 -5.64 3.74 -8.17
N PHE A 553 -6.76 3.43 -7.51
CA PHE A 553 -6.76 2.39 -6.47
C PHE A 553 -7.23 1.01 -6.98
N SER A 554 -7.55 0.89 -8.26
CA SER A 554 -8.15 -0.37 -8.80
C SER A 554 -7.13 -1.46 -9.18
N GLY A 555 -5.92 -1.02 -9.57
CA GLY A 555 -4.89 -1.88 -10.15
C GLY A 555 -4.99 -1.88 -11.67
N TYR A 556 -3.89 -2.26 -12.31
CA TYR A 556 -3.81 -2.41 -13.76
C TYR A 556 -4.60 -3.72 -14.14
N PRO A 557 -4.93 -3.93 -15.42
CA PRO A 557 -5.89 -5.03 -15.69
C PRO A 557 -5.46 -6.42 -15.17
N LEU A 558 -4.18 -6.76 -15.32
CA LEU A 558 -3.71 -8.14 -14.96
C LEU A 558 -3.24 -8.31 -13.51
N TYR A 559 -3.54 -7.31 -12.68
CA TYR A 559 -3.13 -7.26 -11.27
C TYR A 559 -3.54 -8.53 -10.52
N HIS A 560 -2.56 -9.23 -9.93
CA HIS A 560 -2.80 -10.43 -9.07
C HIS A 560 -3.41 -11.61 -9.83
N SER A 561 -3.23 -11.58 -11.14
CA SER A 561 -3.65 -12.66 -12.03
C SER A 561 -2.43 -13.55 -12.50
N VAL A 562 -2.72 -14.78 -12.92
CA VAL A 562 -1.69 -15.69 -13.49
C VAL A 562 -0.99 -15.06 -14.71
N TYR A 563 -1.64 -14.06 -15.33
CA TYR A 563 -1.22 -13.47 -16.60
C TYR A 563 -0.16 -12.38 -16.38
N GLU A 564 0.08 -12.06 -15.11
CA GLU A 564 1.12 -11.07 -14.80
C GLU A 564 2.48 -11.75 -14.87
N THR A 565 3.11 -11.70 -16.04
CA THR A 565 4.31 -12.49 -16.33
C THR A 565 5.48 -11.59 -16.76
N TYR A 566 6.66 -12.16 -16.85
CA TYR A 566 7.77 -11.49 -17.57
C TYR A 566 7.36 -10.95 -18.96
N GLU A 567 6.66 -11.79 -19.74
CA GLU A 567 6.27 -11.40 -21.13
C GLU A 567 5.35 -10.21 -21.15
N LEU A 568 4.44 -10.12 -20.18
CA LEU A 568 3.57 -8.96 -20.04
C LEU A 568 4.42 -7.70 -20.01
N VAL A 569 5.47 -7.73 -19.18
CA VAL A 569 6.30 -6.53 -18.98
C VAL A 569 7.16 -6.26 -20.24
N GLU A 570 7.88 -7.28 -20.69
CA GLU A 570 8.81 -7.17 -21.82
C GLU A 570 8.12 -6.81 -23.12
N LYS A 571 6.94 -7.37 -23.36
CA LYS A 571 6.21 -7.10 -24.59
C LYS A 571 5.40 -5.81 -24.55
N PHE A 572 4.71 -5.55 -23.45
CA PHE A 572 3.67 -4.49 -23.44
C PHE A 572 3.96 -3.31 -22.55
N TYR A 573 4.68 -3.48 -21.44
CA TYR A 573 4.86 -2.35 -20.53
C TYR A 573 6.15 -1.57 -20.77
N ASP A 574 7.27 -2.28 -20.94
CA ASP A 574 8.58 -1.59 -20.88
C ASP A 574 9.65 -2.39 -21.62
N PRO A 575 9.48 -2.55 -22.95
CA PRO A 575 10.42 -3.37 -23.75
C PRO A 575 11.89 -3.01 -23.57
N MET A 576 12.18 -1.72 -23.43
CA MET A 576 13.57 -1.26 -23.34
CA MET A 576 13.54 -1.21 -23.33
C MET A 576 14.03 -1.12 -21.88
N PHE A 577 13.12 -1.36 -20.96
CA PHE A 577 13.39 -1.28 -19.53
C PHE A 577 13.86 0.10 -19.12
N LYS A 578 13.47 1.10 -19.91
CA LYS A 578 13.80 2.49 -19.56
C LYS A 578 12.94 3.04 -18.42
N TYR A 579 11.71 2.57 -18.27
CA TYR A 579 10.91 3.06 -17.15
C TYR A 579 11.45 2.43 -15.87
N HIS A 580 11.77 1.13 -15.92
CA HIS A 580 12.41 0.50 -14.74
C HIS A 580 13.69 1.23 -14.37
N LEU A 581 14.53 1.54 -15.36
CA LEU A 581 15.75 2.28 -15.06
C LEU A 581 15.46 3.65 -14.42
N THR A 582 14.50 4.41 -14.95
CA THR A 582 14.14 5.73 -14.35
C THR A 582 13.72 5.54 -12.89
N VAL A 583 12.96 4.50 -12.64
CA VAL A 583 12.48 4.27 -11.26
C VAL A 583 13.63 3.80 -10.34
N ALA A 584 14.57 3.02 -10.87
CA ALA A 584 15.78 2.69 -10.11
C ALA A 584 16.57 3.97 -9.79
N GLN A 585 16.69 4.88 -10.76
CA GLN A 585 17.34 6.17 -10.44
C GLN A 585 16.63 7.01 -9.37
N VAL A 586 15.30 7.05 -9.39
CA VAL A 586 14.55 7.81 -8.41
C VAL A 586 14.69 7.12 -7.03
N ARG A 587 14.36 5.83 -6.92
CA ARG A 587 14.46 5.17 -5.62
C ARG A 587 15.90 5.16 -5.10
N GLY A 588 16.84 4.76 -5.96
CA GLY A 588 18.22 4.65 -5.56
C GLY A 588 18.82 6.03 -5.27
N GLY A 589 18.43 7.02 -6.08
CA GLY A 589 18.87 8.39 -5.84
C GLY A 589 18.38 8.97 -4.52
N MET A 590 17.13 8.72 -4.20
CA MET A 590 16.57 9.13 -2.89
C MET A 590 17.35 8.48 -1.78
N VAL A 591 17.59 7.17 -1.86
CA VAL A 591 18.33 6.47 -0.79
C VAL A 591 19.75 7.06 -0.66
N PHE A 592 20.42 7.27 -1.80
CA PHE A 592 21.76 7.85 -1.83
C PHE A 592 21.81 9.21 -1.10
N GLU A 593 20.90 10.14 -1.43
CA GLU A 593 20.87 11.47 -0.78
CA GLU A 593 20.97 11.46 -0.78
C GLU A 593 20.64 11.34 0.71
N LEU A 594 19.68 10.49 1.06
CA LEU A 594 19.29 10.31 2.45
C LEU A 594 20.44 9.72 3.26
N ALA A 595 21.18 8.79 2.64
CA ALA A 595 22.29 8.13 3.32
C ALA A 595 23.61 8.91 3.26
N ASN A 596 23.72 9.89 2.35
CA ASN A 596 25.02 10.56 2.18
C ASN A 596 25.06 12.06 2.42
N SER A 597 23.90 12.71 2.32
CA SER A 597 23.91 14.18 2.45
C SER A 597 24.36 14.55 3.88
N ILE A 598 25.19 15.58 4.00
CA ILE A 598 25.68 15.92 5.34
C ILE A 598 24.54 16.35 6.26
N VAL A 599 23.75 17.27 5.76
CA VAL A 599 22.50 17.63 6.42
C VAL A 599 21.39 16.75 5.81
N LEU A 600 20.59 16.09 6.65
CA LEU A 600 19.44 15.27 6.15
C LEU A 600 18.62 16.13 5.17
N PRO A 601 18.25 15.56 3.98
CA PRO A 601 17.57 16.34 2.92
C PRO A 601 16.00 16.41 3.15
N PHE A 602 15.62 16.95 4.31
CA PHE A 602 14.21 17.08 4.75
C PHE A 602 13.97 18.58 4.87
N ASP A 603 12.86 19.08 4.33
CA ASP A 603 12.53 20.50 4.52
C ASP A 603 11.26 20.61 5.37
N CYS A 604 11.42 20.88 6.65
CA CYS A 604 10.28 21.07 7.54
C CYS A 604 9.26 22.10 7.07
N ARG A 605 9.68 23.11 6.30
CA ARG A 605 8.72 24.11 5.79
C ARG A 605 7.63 23.48 4.90
N ASP A 606 7.98 22.42 4.16
CA ASP A 606 6.95 21.74 3.34
C ASP A 606 5.86 21.09 4.22
N TYR A 607 6.24 20.64 5.41
CA TYR A 607 5.22 20.14 6.34
C TYR A 607 4.29 21.27 6.76
N ALA A 608 4.84 22.46 7.02
CA ALA A 608 4.00 23.58 7.47
C ALA A 608 2.95 23.94 6.41
N VAL A 609 3.38 23.97 5.16
CA VAL A 609 2.50 24.28 4.04
C VAL A 609 1.33 23.24 3.96
N VAL A 610 1.63 21.94 4.03
CA VAL A 610 0.51 20.95 3.91
C VAL A 610 -0.38 20.94 5.16
N LEU A 611 0.18 21.17 6.34
CA LEU A 611 -0.61 21.20 7.55
C LEU A 611 -1.69 22.27 7.45
N ARG A 612 -1.38 23.41 6.81
CA ARG A 612 -2.35 24.49 6.68
C ARG A 612 -3.44 24.04 5.71
N LYS A 613 -3.04 23.45 4.59
CA LYS A 613 -3.99 22.89 3.63
CA LYS A 613 -4.02 22.92 3.64
C LYS A 613 -4.94 21.86 4.31
N TYR A 614 -4.38 20.96 5.11
CA TYR A 614 -5.23 19.94 5.79
C TYR A 614 -6.13 20.55 6.87
N ALA A 615 -5.67 21.59 7.55
CA ALA A 615 -6.47 22.27 8.54
C ALA A 615 -7.67 22.94 7.88
N ASP A 616 -7.41 23.67 6.80
CA ASP A 616 -8.50 24.29 6.01
C ASP A 616 -9.54 23.24 5.56
N LYS A 617 -9.03 22.11 5.06
CA LYS A 617 -9.88 21.07 4.55
C LYS A 617 -10.79 20.46 5.64
N ILE A 618 -10.21 20.14 6.80
CA ILE A 618 -10.99 19.56 7.88
C ILE A 618 -12.01 20.56 8.50
N TYR A 619 -11.57 21.81 8.64
CA TYR A 619 -12.48 22.87 9.06
C TYR A 619 -13.67 22.98 8.06
N SER A 620 -13.38 22.87 6.77
CA SER A 620 -14.43 23.04 5.76
C SER A 620 -15.45 21.90 5.83
N ILE A 621 -14.98 20.68 6.12
CA ILE A 621 -15.87 19.55 6.37
C ILE A 621 -16.81 19.82 7.58
N SER A 622 -16.24 20.32 8.67
CA SER A 622 -17.02 20.58 9.88
C SER A 622 -18.03 21.68 9.62
N MET A 623 -17.59 22.68 8.85
CA MET A 623 -18.46 23.83 8.56
C MET A 623 -19.68 23.49 7.71
N LYS A 624 -19.81 22.24 7.25
CA LYS A 624 -21.10 21.82 6.66
C LYS A 624 -22.18 21.71 7.75
N HIS A 625 -21.80 21.78 9.03
CA HIS A 625 -22.77 21.68 10.12
C HIS A 625 -22.69 22.91 11.02
N PRO A 626 -23.06 24.10 10.48
CA PRO A 626 -22.82 25.30 11.31
C PRO A 626 -23.66 25.38 12.59
N GLN A 627 -24.92 24.93 12.54
CA GLN A 627 -25.76 24.94 13.77
C GLN A 627 -25.11 24.16 14.92
N GLU A 628 -24.62 22.95 14.62
CA GLU A 628 -24.00 22.11 15.64
C GLU A 628 -22.71 22.72 16.17
N MET A 629 -21.92 23.32 15.28
CA MET A 629 -20.69 23.99 15.71
C MET A 629 -21.03 25.13 16.69
N LYS A 630 -22.14 25.81 16.43
CA LYS A 630 -22.62 26.86 17.33
C LYS A 630 -23.08 26.25 18.67
N THR A 631 -23.94 25.24 18.58
CA THR A 631 -24.53 24.62 19.77
C THR A 631 -23.52 24.01 20.69
N TYR A 632 -22.52 23.34 20.12
CA TYR A 632 -21.53 22.66 20.93
C TYR A 632 -20.20 23.41 21.06
N SER A 633 -20.15 24.66 20.59
CA SER A 633 -18.95 25.52 20.72
C SER A 633 -17.74 24.82 20.11
N VAL A 634 -17.87 24.38 18.85
CA VAL A 634 -16.80 23.62 18.18
C VAL A 634 -15.91 24.64 17.48
N SER A 635 -14.71 24.82 18.02
CA SER A 635 -13.74 25.74 17.44
C SER A 635 -12.49 25.00 16.94
N PHE A 636 -12.07 25.39 15.72
CA PHE A 636 -10.76 24.95 15.22
C PHE A 636 -9.61 25.94 15.54
N ASP A 637 -9.88 26.96 16.36
CA ASP A 637 -8.85 28.02 16.60
C ASP A 637 -7.56 27.40 17.11
N SER A 638 -7.65 26.41 18.00
CA SER A 638 -6.41 25.80 18.53
C SER A 638 -5.56 25.12 17.44
N LEU A 639 -6.24 24.44 16.51
CA LEU A 639 -5.52 23.77 15.46
C LEU A 639 -4.85 24.79 14.52
N PHE A 640 -5.57 25.85 14.16
CA PHE A 640 -4.97 26.87 13.28
C PHE A 640 -3.82 27.59 13.97
N SER A 641 -3.98 27.83 15.29
CA SER A 641 -2.88 28.39 16.12
C SER A 641 -1.62 27.49 16.10
N ALA A 642 -1.81 26.19 16.31
CA ALA A 642 -0.69 25.24 16.30
C ALA A 642 0.00 25.21 14.94
N VAL A 643 -0.80 25.28 13.86
CA VAL A 643 -0.26 25.24 12.49
C VAL A 643 0.54 26.54 12.20
N LYS A 644 0.00 27.67 12.62
CA LYS A 644 0.70 28.97 12.56
C LYS A 644 2.03 28.91 13.32
N ASN A 645 2.01 28.37 14.54
CA ASN A 645 3.23 28.24 15.32
C ASN A 645 4.23 27.30 14.64
N PHE A 646 3.75 26.15 14.12
CA PHE A 646 4.60 25.23 13.40
C PHE A 646 5.26 25.99 12.22
N THR A 647 4.47 26.78 11.50
CA THR A 647 5.02 27.56 10.35
C THR A 647 6.16 28.50 10.78
N GLU A 648 5.91 29.25 11.85
CA GLU A 648 6.88 30.21 12.35
C GLU A 648 8.14 29.51 12.84
N ILE A 649 7.97 28.47 13.66
CA ILE A 649 9.11 27.79 14.23
C ILE A 649 9.93 27.04 13.19
N ALA A 650 9.24 26.41 12.24
CA ALA A 650 9.93 25.77 11.12
C ALA A 650 10.76 26.76 10.33
N SER A 651 10.21 27.96 10.09
CA SER A 651 10.93 28.97 9.32
C SER A 651 12.22 29.38 10.08
N LYS A 652 12.12 29.53 11.40
CA LYS A 652 13.28 29.90 12.20
CA LYS A 652 13.29 29.89 12.19
C LYS A 652 14.32 28.75 12.24
N PHE A 653 13.85 27.51 12.34
CA PHE A 653 14.74 26.35 12.32
C PHE A 653 15.52 26.27 10.98
N SER A 654 14.80 26.51 9.89
CA SER A 654 15.42 26.54 8.55
C SER A 654 16.59 27.55 8.48
N GLU A 655 16.38 28.73 9.06
CA GLU A 655 17.41 29.77 9.12
C GLU A 655 18.65 29.28 9.88
N ARG A 656 18.42 28.66 11.05
CA ARG A 656 19.54 28.11 11.81
C ARG A 656 20.25 27.00 11.05
N LEU A 657 19.47 26.22 10.31
CA LEU A 657 20.03 25.12 9.54
C LEU A 657 20.95 25.66 8.44
N GLN A 658 20.60 26.83 7.90
CA GLN A 658 21.45 27.52 6.91
C GLN A 658 22.71 28.12 7.55
N ASP A 659 22.58 28.61 8.77
CA ASP A 659 23.54 29.50 9.43
C ASP A 659 24.56 28.91 10.40
N PHE A 660 24.46 27.61 10.74
CA PHE A 660 25.55 26.97 11.53
C PHE A 660 26.70 26.45 10.63
N SER A 663 31.35 24.09 10.80
N SER A 663 31.14 21.36 10.01
CA SER A 663 32.33 23.14 11.25
CA SER A 663 32.31 20.53 10.48
C SER A 663 31.96 22.31 12.53
C SER A 663 32.46 20.32 12.03
N ASN A 664 30.78 22.53 13.11
N ASN A 664 31.44 20.72 12.78
CA ASN A 664 30.42 21.88 14.38
CA ASN A 664 31.41 20.41 14.24
C ASN A 664 29.57 20.63 14.24
C ASN A 664 30.52 19.16 14.39
N PRO A 665 30.17 19.45 14.48
N PRO A 665 31.14 17.98 14.63
CA PRO A 665 29.36 18.25 14.22
CA PRO A 665 30.38 16.72 14.56
C PRO A 665 28.29 17.99 15.27
C PRO A 665 29.18 16.68 15.52
N ILE A 666 28.43 18.55 16.47
N ILE A 666 29.36 17.12 16.76
CA ILE A 666 27.39 18.32 17.49
CA ILE A 666 28.23 17.06 17.69
C ILE A 666 26.13 19.10 17.12
C ILE A 666 27.14 18.07 17.38
N VAL A 667 26.32 20.34 16.68
N VAL A 667 27.50 19.29 16.99
CA VAL A 667 25.19 21.15 16.26
CA VAL A 667 26.46 20.25 16.58
C VAL A 667 24.58 20.53 15.01
C VAL A 667 25.65 19.73 15.37
N LEU A 668 25.44 20.03 14.13
N LEU A 668 26.33 19.22 14.35
CA LEU A 668 24.98 19.38 12.91
CA LEU A 668 25.63 18.64 13.20
C LEU A 668 24.11 18.19 13.25
C LEU A 668 24.74 17.48 13.64
N ARG A 669 24.62 17.28 14.09
N ARG A 669 25.17 16.74 14.64
CA ARG A 669 23.90 16.06 14.44
CA ARG A 669 24.33 15.63 15.10
C ARG A 669 22.73 16.38 15.33
C ARG A 669 22.96 16.11 15.65
N MET A 670 22.94 17.30 16.28
CA MET A 670 21.78 17.87 16.98
C MET A 670 20.71 18.27 15.97
N MET A 671 21.10 19.03 14.93
CA MET A 671 20.11 19.45 13.94
C MET A 671 19.57 18.30 13.08
N ASN A 672 20.44 17.38 12.69
CA ASN A 672 19.99 16.19 11.95
C ASN A 672 19.03 15.35 12.81
N ASP A 673 19.31 15.24 14.11
CA ASP A 673 18.35 14.58 15.01
C ASP A 673 17.02 15.28 15.03
N GLN A 674 17.01 16.62 15.08
CA GLN A 674 15.74 17.36 15.02
C GLN A 674 15.00 17.05 13.72
N LEU A 675 15.70 17.05 12.58
CA LEU A 675 15.05 16.62 11.34
C LEU A 675 14.55 15.18 11.32
N MET A 676 15.35 14.27 11.86
CA MET A 676 14.95 12.85 11.89
C MET A 676 13.72 12.63 12.77
N PHE A 677 13.71 13.30 13.92
CA PHE A 677 12.64 13.07 14.93
C PHE A 677 11.40 13.88 14.65
N LEU A 678 11.44 14.67 13.58
CA LEU A 678 10.26 15.50 13.28
C LEU A 678 9.06 14.64 12.81
N GLU A 679 9.29 13.74 11.88
CA GLU A 679 8.22 12.75 11.57
C GLU A 679 7.80 11.99 12.85
N ARG A 680 8.79 11.64 13.67
CA ARG A 680 8.49 10.86 14.89
C ARG A 680 7.53 11.63 15.83
N ALA A 681 7.63 12.97 15.79
CA ALA A 681 6.86 13.83 16.71
C ALA A 681 5.38 13.76 16.42
N PHE A 682 4.99 13.30 15.22
CA PHE A 682 3.55 13.17 14.91
C PHE A 682 2.87 11.91 15.43
N ILE A 683 3.65 11.02 15.99
CA ILE A 683 3.13 9.78 16.62
C ILE A 683 2.46 10.09 17.96
N ASP A 684 1.26 9.56 18.18
CA ASP A 684 0.62 9.58 19.47
C ASP A 684 0.72 8.16 20.02
N PRO A 685 1.37 8.01 21.16
CA PRO A 685 1.54 6.64 21.71
C PRO A 685 0.21 5.96 22.09
N LEU A 686 -0.88 6.69 22.17
CA LEU A 686 -2.18 6.08 22.45
C LEU A 686 -2.92 5.59 21.17
N GLY A 687 -2.38 5.93 20.01
CA GLY A 687 -2.92 5.53 18.70
C GLY A 687 -4.24 6.23 18.41
N LEU A 688 -4.84 5.91 17.26
CA LEU A 688 -6.14 6.47 16.93
C LEU A 688 -7.24 5.58 17.49
N PRO A 689 -8.47 6.13 17.64
CA PRO A 689 -9.56 5.34 18.26
C PRO A 689 -9.75 3.97 17.64
N ASP A 690 -9.64 2.93 18.48
CA ASP A 690 -9.81 1.52 18.13
C ASP A 690 -8.85 1.05 17.06
N ARG A 691 -7.85 1.88 16.76
CA ARG A 691 -6.78 1.49 15.81
C ARG A 691 -5.40 1.79 16.45
N PRO A 692 -5.02 0.97 17.41
CA PRO A 692 -3.82 1.27 18.21
C PRO A 692 -2.49 1.26 17.42
N PHE A 693 -2.45 0.58 16.27
CA PHE A 693 -1.24 0.54 15.42
C PHE A 693 -1.15 1.64 14.37
N TYR A 694 -2.21 2.43 14.29
CA TYR A 694 -2.12 3.68 13.51
C TYR A 694 -1.95 4.83 14.51
N ARG A 695 -0.72 5.30 14.65
CA ARG A 695 -0.38 6.24 15.71
C ARG A 695 -0.04 7.64 15.14
N HIS A 696 0.05 7.75 13.82
CA HIS A 696 0.43 9.06 13.21
C HIS A 696 -0.84 9.93 13.25
N VAL A 697 -0.74 11.16 13.72
CA VAL A 697 -1.95 12.00 13.94
C VAL A 697 -2.28 12.79 12.66
N ILE A 698 -1.29 12.92 11.78
CA ILE A 698 -1.57 13.68 10.57
C ILE A 698 -2.12 12.81 9.48
N TYR A 699 -1.62 11.58 9.39
CA TYR A 699 -1.96 10.68 8.30
C TYR A 699 -2.41 9.33 8.84
N ALA A 700 -3.44 8.74 8.24
CA ALA A 700 -3.69 7.31 8.47
C ALA A 700 -4.36 6.80 7.21
N PRO A 701 -4.38 5.48 7.02
CA PRO A 701 -5.11 4.90 5.92
C PRO A 701 -6.56 5.22 6.17
N SER A 702 -7.30 5.55 5.12
CA SER A 702 -8.70 5.88 5.26
C SER A 702 -9.46 4.69 5.87
N SER A 703 -10.39 4.95 6.80
CA SER A 703 -11.21 3.87 7.37
C SER A 703 -12.13 3.18 6.36
N HIS A 704 -12.34 3.84 5.24
CA HIS A 704 -13.16 3.29 4.16
C HIS A 704 -12.37 2.72 2.99
N ASN A 705 -11.04 2.92 2.99
CA ASN A 705 -10.21 2.44 1.87
C ASN A 705 -8.75 2.44 2.31
N LYS A 706 -8.25 1.29 2.73
CA LYS A 706 -6.88 1.19 3.24
C LYS A 706 -5.82 1.77 2.30
N TYR A 707 -6.11 1.76 0.99
CA TYR A 707 -5.12 2.26 0.02
C TYR A 707 -4.95 3.78 0.08
N ALA A 708 -6.01 4.50 0.47
CA ALA A 708 -5.99 5.97 0.43
C ALA A 708 -5.48 6.55 1.76
N GLY A 709 -4.64 7.59 1.72
CA GLY A 709 -4.30 8.26 2.97
C GLY A 709 -5.37 9.28 3.32
N GLU A 710 -5.64 9.45 4.60
CA GLU A 710 -6.58 10.48 5.04
C GLU A 710 -5.77 11.44 5.92
N SER A 711 -6.01 12.74 5.76
CA SER A 711 -5.37 13.71 6.65
C SER A 711 -6.23 14.05 7.89
N PHE A 712 -5.58 14.43 9.00
CA PHE A 712 -6.26 14.55 10.35
C PHE A 712 -7.32 13.47 10.54
N PRO A 713 -6.89 12.19 10.42
CA PRO A 713 -7.85 11.07 10.41
C PRO A 713 -8.71 11.01 11.66
N GLY A 714 -8.17 11.36 12.84
CA GLY A 714 -8.98 11.31 14.07
C GLY A 714 -10.18 12.27 13.96
N ILE A 715 -9.95 13.50 13.48
CA ILE A 715 -11.08 14.44 13.33
C ILE A 715 -11.97 14.01 12.17
N TYR A 716 -11.35 13.55 11.09
CA TYR A 716 -12.14 13.16 9.92
C TYR A 716 -13.17 12.05 10.28
N ASP A 717 -12.71 10.99 10.95
CA ASP A 717 -13.62 9.90 11.37
C ASP A 717 -14.65 10.35 12.40
N ALA A 718 -14.26 11.27 13.28
CA ALA A 718 -15.24 11.82 14.21
C ALA A 718 -16.36 12.58 13.49
N LEU A 719 -16.02 13.27 12.40
CA LEU A 719 -17.04 14.01 11.63
C LEU A 719 -17.81 13.18 10.62
N PHE A 720 -17.27 12.03 10.28
CA PHE A 720 -17.85 11.24 9.18
C PHE A 720 -19.26 10.76 9.53
N ASP A 721 -20.22 11.12 8.68
CA ASP A 721 -21.61 10.67 8.82
C ASP A 721 -22.17 11.13 10.17
N ILE A 722 -21.70 12.29 10.67
CA ILE A 722 -22.06 12.71 12.04
C ILE A 722 -23.56 12.99 12.22
N GLU A 723 -24.20 13.45 11.15
CA GLU A 723 -25.62 13.76 11.19
C GLU A 723 -26.48 12.53 11.46
N SER A 724 -25.86 11.36 11.40
CA SER A 724 -26.58 10.10 11.64
C SER A 724 -26.42 9.59 13.05
N LYS A 725 -25.56 10.20 13.85
CA LYS A 725 -25.33 9.69 15.22
C LYS A 725 -26.50 10.02 16.13
N VAL A 726 -26.84 9.10 17.03
CA VAL A 726 -28.08 9.24 17.82
C VAL A 726 -27.94 10.29 18.94
N ASP A 727 -26.71 10.48 19.40
CA ASP A 727 -26.42 11.41 20.50
C ASP A 727 -25.47 12.47 19.98
N PRO A 728 -25.99 13.56 19.40
CA PRO A 728 -25.15 14.58 18.79
C PRO A 728 -24.21 15.26 19.79
N SER A 729 -24.63 15.35 21.05
CA SER A 729 -23.78 15.98 22.05
C SER A 729 -22.49 15.19 22.24
N LYS A 730 -22.65 13.87 22.34
CA LYS A 730 -21.51 12.99 22.47
C LYS A 730 -20.63 13.00 21.19
N ALA A 731 -21.28 12.92 20.02
CA ALA A 731 -20.55 12.92 18.74
C ALA A 731 -19.71 14.20 18.54
N TRP A 732 -20.31 15.36 18.79
CA TRP A 732 -19.56 16.61 18.67
C TRP A 732 -18.50 16.81 19.76
N GLY A 733 -18.78 16.28 20.96
CA GLY A 733 -17.74 16.20 22.02
C GLY A 733 -16.50 15.49 21.54
N GLU A 734 -16.71 14.41 20.78
CA GLU A 734 -15.58 13.60 20.35
C GLU A 734 -14.86 14.33 19.18
N VAL A 735 -15.61 15.06 18.34
CA VAL A 735 -14.94 15.94 17.36
C VAL A 735 -14.01 16.94 18.08
N LYS A 736 -14.54 17.61 19.10
CA LYS A 736 -13.72 18.55 19.89
C LYS A 736 -12.50 17.88 20.53
N ARG A 737 -12.68 16.66 21.06
CA ARG A 737 -11.53 15.94 21.60
C ARG A 737 -10.45 15.74 20.56
N GLN A 738 -10.86 15.33 19.35
CA GLN A 738 -9.90 15.08 18.28
C GLN A 738 -9.23 16.39 17.79
N ILE A 739 -9.98 17.51 17.81
CA ILE A 739 -9.34 18.79 17.49
C ILE A 739 -8.22 19.08 18.50
N TYR A 740 -8.48 18.86 19.79
CA TYR A 740 -7.50 19.09 20.88
C TYR A 740 -6.27 18.17 20.68
N VAL A 741 -6.52 16.91 20.39
CA VAL A 741 -5.37 15.99 20.16
C VAL A 741 -4.52 16.43 18.98
N ALA A 742 -5.19 16.83 17.89
CA ALA A 742 -4.49 17.26 16.69
C ALA A 742 -3.70 18.58 16.92
N ALA A 743 -4.32 19.57 17.57
CA ALA A 743 -3.65 20.86 17.86
C ALA A 743 -2.45 20.61 18.78
N PHE A 744 -2.68 19.84 19.83
CA PHE A 744 -1.57 19.51 20.74
C PHE A 744 -0.40 18.84 20.00
N THR A 745 -0.69 17.85 19.17
CA THR A 745 0.42 17.09 18.51
C THR A 745 1.15 18.00 17.53
N VAL A 746 0.40 18.86 16.83
CA VAL A 746 1.05 19.80 15.87
C VAL A 746 1.97 20.76 16.61
N GLN A 747 1.47 21.31 17.71
CA GLN A 747 2.31 22.18 18.57
C GLN A 747 3.52 21.44 19.14
N ALA A 748 3.29 20.22 19.64
CA ALA A 748 4.41 19.43 20.19
C ALA A 748 5.45 19.13 19.13
N ALA A 749 4.99 18.77 17.94
CA ALA A 749 5.94 18.55 16.79
C ALA A 749 6.72 19.83 16.50
N ALA A 750 6.01 20.96 16.43
CA ALA A 750 6.69 22.25 16.23
C ALA A 750 7.78 22.47 17.26
N GLU A 751 7.46 22.18 18.52
CA GLU A 751 8.42 22.49 19.59
C GLU A 751 9.69 21.61 19.54
N THR A 752 9.64 20.46 18.87
CA THR A 752 10.87 19.68 18.62
C THR A 752 11.87 20.42 17.75
N LEU A 753 11.41 21.45 17.05
CA LEU A 753 12.25 22.24 16.17
C LEU A 753 12.70 23.54 16.84
N SER A 754 12.16 23.85 18.04
CA SER A 754 12.59 25.05 18.73
C SER A 754 14.05 24.86 19.14
N GLU A 755 14.70 25.93 19.56
CA GLU A 755 16.00 25.81 20.22
C GLU A 755 15.87 24.83 21.39
N VAL A 756 16.86 23.96 21.53
CA VAL A 756 16.71 22.79 22.41
C VAL A 756 16.85 23.17 23.89
N ALA A 757 17.46 24.32 24.16
CA ALA A 757 17.62 24.81 25.53
C ALA A 757 17.76 26.32 25.51
C1 NAG B . 18.49 -17.06 -11.37
C2 NAG B . 18.49 -18.47 -11.92
C3 NAG B . 19.25 -19.37 -10.96
C4 NAG B . 20.67 -18.87 -10.68
C5 NAG B . 20.57 -17.40 -10.26
C6 NAG B . 21.91 -16.73 -9.92
C7 NAG B . 16.50 -18.98 -13.22
C8 NAG B . 15.10 -19.50 -13.21
N2 NAG B . 17.13 -18.94 -12.03
O3 NAG B . 19.31 -20.67 -11.49
O4 NAG B . 21.14 -19.65 -9.60
O5 NAG B . 19.85 -16.66 -11.24
O6 NAG B . 22.73 -16.88 -11.04
O7 NAG B . 17.00 -18.59 -14.27
C1 NAG B . 22.42 -20.27 -9.83
C2 NAG B . 23.11 -20.62 -8.50
C3 NAG B . 24.38 -21.47 -8.70
C4 NAG B . 24.21 -22.59 -9.73
C5 NAG B . 23.54 -22.01 -10.99
C6 NAG B . 23.27 -23.07 -12.06
C7 NAG B . 22.75 -18.96 -6.69
C8 NAG B . 21.51 -19.67 -6.27
N2 NAG B . 23.44 -19.44 -7.73
O3 NAG B . 24.69 -22.06 -7.45
O4 NAG B . 25.47 -23.19 -10.03
O5 NAG B . 22.29 -21.45 -10.59
O6 NAG B . 22.26 -23.95 -11.57
O7 NAG B . 23.12 -17.93 -6.08
C1 NAG C . -20.86 -28.46 -10.56
C2 NAG C . -21.42 -29.40 -11.63
C3 NAG C . -22.19 -30.51 -10.95
C4 NAG C . -21.40 -31.23 -9.84
C5 NAG C . -20.66 -30.22 -8.92
C6 NAG C . -19.61 -30.87 -8.01
C7 NAG C . -22.09 -28.36 -13.78
C8 NAG C . -23.16 -27.62 -14.53
N2 NAG C . -22.35 -28.68 -12.50
O3 NAG C . -22.63 -31.43 -11.92
O4 NAG C . -22.35 -31.95 -9.09
O5 NAG C . -20.01 -29.22 -9.70
O6 NAG C . -18.67 -31.57 -8.81
O7 NAG C . -21.04 -28.63 -14.34
C1 NAG C . -21.99 -33.33 -8.91
C2 NAG C . -22.64 -33.80 -7.59
C3 NAG C . -22.43 -35.29 -7.35
C4 NAG C . -22.83 -36.13 -8.57
C5 NAG C . -22.06 -35.60 -9.79
C6 NAG C . -22.37 -36.39 -11.07
C7 NAG C . -22.95 -32.02 -5.97
C8 NAG C . -22.45 -31.31 -4.74
N2 NAG C . -22.21 -33.03 -6.43
O3 NAG C . -23.25 -35.67 -6.28
O4 NAG C . -22.68 -37.52 -8.29
O5 NAG C . -22.37 -34.19 -9.99
O6 NAG C . -23.51 -35.84 -11.70
O7 NAG C . -24.00 -31.64 -6.53
C1 NAG D . 16.78 21.67 -3.38
C2 NAG D . 17.33 21.61 -1.96
C3 NAG D . 17.36 23.00 -1.35
C4 NAG D . 18.08 23.97 -2.28
C5 NAG D . 17.43 23.93 -3.66
C6 NAG D . 18.05 24.87 -4.70
C7 NAG D . 16.94 19.71 -0.44
C8 NAG D . 18.41 19.49 -0.58
N2 NAG D . 16.50 20.75 -1.14
O3 NAG D . 18.04 22.92 -0.13
O4 NAG D . 17.95 25.25 -1.72
O5 NAG D . 17.51 22.59 -4.16
O6 NAG D . 19.39 24.52 -4.94
O7 NAG D . 16.22 18.99 0.31
C1 NAG D . 19.21 25.92 -1.63
C2 NAG D . 18.85 27.36 -1.32
C3 NAG D . 20.12 28.18 -1.13
C4 NAG D . 20.96 27.57 -0.02
C5 NAG D . 21.25 26.10 -0.36
C6 NAG D . 22.01 25.39 0.76
C7 NAG D . 16.67 28.08 -2.26
C8 NAG D . 15.95 27.72 -1.01
N2 NAG D . 18.00 27.90 -2.36
O3 NAG D . 19.76 29.50 -0.80
O4 NAG D . 22.17 28.31 0.12
O5 NAG D . 20.02 25.40 -0.59
O6 NAG D . 21.28 25.45 1.98
O7 NAG D . 16.03 28.55 -3.19
C1 NAG E . 1.12 29.16 19.65
C2 NAG E . 0.38 28.41 20.77
C3 NAG E . -0.21 29.46 21.74
C4 NAG E . 0.91 30.38 22.27
C5 NAG E . 1.81 30.92 21.16
C6 NAG E . 3.08 31.45 21.82
C7 NAG E . -0.88 26.32 20.66
C8 NAG E . -2.03 25.60 20.00
N2 NAG E . -0.68 27.57 20.23
O3 NAG E . -0.83 28.81 22.82
O4 NAG E . 0.44 31.53 22.96
O5 NAG E . 2.17 29.91 20.23
O6 NAG E . 3.43 32.51 20.97
O7 NAG E . -0.15 25.78 21.51
C1 NAG E . 0.09 31.17 24.30
C2 NAG E . 0.56 32.26 25.26
C3 NAG E . 0.03 32.01 26.68
C4 NAG E . -1.49 31.94 26.61
C5 NAG E . -1.76 30.75 25.67
C6 NAG E . -3.22 30.31 25.59
C7 NAG E . 2.47 33.59 24.60
C8 NAG E . 1.52 34.56 23.93
N2 NAG E . 2.00 32.48 25.23
O3 NAG E . 0.48 33.09 27.48
O4 NAG E . -2.07 31.61 27.84
O5 NAG E . -1.32 31.10 24.39
O6 NAG E . -3.92 31.22 24.79
O7 NAG E . 3.68 33.83 24.55
C1 BMA E . -2.24 32.70 28.76
C2 BMA E . -3.53 32.43 29.51
C3 BMA E . -3.79 33.43 30.63
C4 BMA E . -2.56 33.52 31.54
C5 BMA E . -1.25 33.71 30.73
C6 BMA E . 0.01 33.58 31.60
O2 BMA E . -3.41 31.15 30.13
O3 BMA E . -4.91 32.88 31.34
O4 BMA E . -2.75 34.56 32.49
O5 BMA E . -1.14 32.74 29.67
O6 BMA E . 1.17 33.77 30.78
C1 MAN E . -5.92 33.89 31.61
C2 MAN E . -6.74 33.36 32.80
C3 MAN E . -7.60 32.17 32.35
C4 MAN E . -8.41 32.51 31.09
C5 MAN E . -7.40 32.96 30.04
C6 MAN E . -7.93 33.01 28.59
O2 MAN E . -7.49 34.41 33.33
O3 MAN E . -8.45 31.65 33.34
O4 MAN E . -9.09 31.35 30.67
O5 MAN E . -6.77 34.15 30.50
O6 MAN E . -9.07 33.84 28.46
C1 NAG F . -8.93 -30.90 2.58
C2 NAG F . -8.43 -31.05 4.01
C3 NAG F . -8.58 -32.46 4.56
C4 NAG F . -10.07 -32.72 4.60
C5 NAG F . -10.62 -32.62 3.16
C6 NAG F . -12.15 -32.76 3.16
C7 NAG F . -6.95 -29.54 5.11
C8 NAG F . -8.16 -29.12 5.90
N2 NAG F . -7.10 -30.50 4.20
O3 NAG F . -8.08 -32.50 5.87
O4 NAG F . -10.39 -33.96 5.22
O5 NAG F . -10.26 -31.39 2.49
O6 NAG F . -12.75 -31.99 4.19
O7 NAG F . -5.87 -29.00 5.34
C1 NAG G . -33.06 -7.04 7.60
C2 NAG G . -33.59 -6.13 8.73
C3 NAG G . -33.42 -6.78 10.11
C4 NAG G . -33.97 -8.21 10.10
C5 NAG G . -33.18 -8.97 9.03
C6 NAG G . -33.41 -10.49 9.08
C7 NAG G . -33.65 -3.71 8.35
C8 NAG G . -32.87 -2.42 8.43
N2 NAG G . -32.99 -4.81 8.72
O3 NAG G . -34.12 -6.02 11.06
O4 NAG G . -33.84 -8.80 11.37
O5 NAG G . -33.47 -8.40 7.75
O6 NAG G . -34.67 -10.84 8.56
O7 NAG G . -34.83 -3.70 7.95
C1 NAG H . 2.75 2.23 -23.45
C2 NAG H . 1.30 1.77 -23.13
C3 NAG H . 0.36 1.90 -24.35
C4 NAG H . 0.40 3.30 -24.98
C5 NAG H . 1.88 3.68 -25.22
C6 NAG H . 1.97 5.11 -25.77
C7 NAG H . 0.75 0.24 -21.30
C8 NAG H . 0.77 -1.13 -20.71
N2 NAG H . 1.29 0.45 -22.49
O3 NAG H . -1.00 1.73 -24.00
O4 NAG H . -0.36 3.37 -26.19
O5 NAG H . 2.67 3.53 -24.05
O6 NAG H . 1.21 6.02 -25.00
O7 NAG H . 0.21 1.11 -20.64
ZN ZN I . 0.23 -7.49 -4.61
ZN ZN J . 3.14 -6.09 -4.16
CA CA K . 3.42 -9.78 15.47
CL CL L . 6.15 1.02 -3.98
N GLU M . -0.54 -5.00 -1.35
CA GLU M . -1.45 -6.18 -1.06
C GLU M . -2.82 -5.92 -1.70
O GLU M . -3.19 -4.76 -1.92
CB GLU M . -1.65 -6.34 0.46
CG GLU M . -2.16 -5.04 1.15
CD GLU M . -2.49 -5.19 2.63
OE1 GLU M . -2.72 -6.34 3.11
OE2 GLU M . -2.53 -4.16 3.34
OXT GLU M . -3.57 -6.88 -1.92
N ASP N . -0.14 -1.69 -6.31
CA ASP N . -0.99 -1.62 -5.09
C ASP N . -0.19 -1.16 -3.87
O ASP N . 0.81 -0.47 -3.97
CB ASP N . -1.71 -2.95 -4.85
CG ASP N . -0.76 -4.07 -4.37
OD1 ASP N . -1.22 -5.21 -4.14
OD2 ASP N . 0.43 -3.86 -4.20
OXT ASP N . -0.56 -1.48 -2.73
#